data_1ECX
#
_entry.id   1ECX
#
_cell.length_a   115.410
_cell.length_b   115.410
_cell.length_c   156.950
_cell.angle_alpha   90.00
_cell.angle_beta   90.00
_cell.angle_gamma   120.00
#
_symmetry.space_group_name_H-M   'P 31 2 1'
#
loop_
_entity.id
_entity.type
_entity.pdbx_description
1 polymer AMINOTRANSFERASE
2 non-polymer "PYRIDOXAL-5'-PHOSPHATE"
3 non-polymer CYSTEINE
4 water water
#
_entity_poly.entity_id   1
_entity_poly.type   'polypeptide(L)'
_entity_poly.pdbx_seq_one_letter_code
;MRVYFDNNATTRVDDRVLEEMIVFYREKYGNPNSAHGMGIEANLHMEKAREKVAKVLGVSPSEIFFTSCATESINWILKT
VAETFEKRKRTIITTPIEHKAVLETMKYLSMKGFKVKYVPVDSRGVVKLEELEKLVDEDTFLVSIMAANNEVGTIQPVED
VTRIVKKKNKETLVHVDAVQTIGKIPFSLEKLEVDYASFSAHKFHGPKGVGITYIRKGVPIRPLIHGGGQERGLRSGTQN
VPGIVGAARAMEIAVEELSEAAKHMEKLRSKLVSGLMNLGAHIITPLEISLPNTLSVSFPNIRGSTLQNLLSGYGIYVST
SSACTSKDERLRHVLDAMGVDRRIAQGAIRISLCKYNTEEEVDYFLKKIEEILSFLDLTGNNRR
;
_entity_poly.pdbx_strand_id   A,B
#
loop_
_chem_comp.id
_chem_comp.type
_chem_comp.name
_chem_comp.formula
PLP non-polymer PYRIDOXAL-5'-PHOSPHATE 'C8 H10 N O6 P'
#
# COMPACT_ATOMS: atom_id res chain seq x y z
N MET A 1 6.81 -1.96 4.27
CA MET A 1 6.04 -2.40 5.48
C MET A 1 4.59 -1.96 5.34
N ARG A 2 3.65 -2.92 5.26
CA ARG A 2 2.22 -2.60 5.15
C ARG A 2 1.73 -2.16 6.52
N VAL A 3 1.34 -0.90 6.64
CA VAL A 3 0.86 -0.35 7.89
C VAL A 3 -0.61 0.07 7.75
N TYR A 4 -1.48 -0.69 8.41
CA TYR A 4 -2.91 -0.45 8.33
C TYR A 4 -3.41 0.33 9.54
N PHE A 5 -3.69 1.62 9.33
CA PHE A 5 -4.16 2.51 10.40
C PHE A 5 -5.56 3.04 10.07
N ASP A 6 -6.46 2.16 9.64
CA ASP A 6 -7.81 2.61 9.29
C ASP A 6 -8.84 1.67 9.90
N ASN A 7 -8.59 1.21 11.12
CA ASN A 7 -9.50 0.27 11.75
C ASN A 7 -10.87 0.78 12.20
N ASN A 8 -11.14 2.08 12.02
CA ASN A 8 -12.46 2.57 12.38
C ASN A 8 -13.39 2.38 11.19
N ALA A 9 -12.80 2.10 10.03
CA ALA A 9 -13.57 1.86 8.81
C ALA A 9 -13.92 0.38 8.76
N THR A 10 -12.92 -0.45 9.04
CA THR A 10 -13.09 -1.89 9.07
C THR A 10 -11.78 -2.50 9.54
N THR A 11 -11.83 -3.79 9.89
CA THR A 11 -10.65 -4.48 10.42
C THR A 11 -10.46 -5.87 9.79
N ARG A 12 -9.29 -6.45 10.01
CA ARG A 12 -8.98 -7.78 9.52
C ARG A 12 -9.57 -8.78 10.50
N VAL A 13 -10.11 -9.87 10.00
CA VAL A 13 -10.71 -10.87 10.87
C VAL A 13 -9.65 -11.59 11.69
N ASP A 14 -9.98 -11.87 12.94
CA ASP A 14 -9.09 -12.57 13.84
C ASP A 14 -8.97 -14.02 13.35
N ASP A 15 -7.74 -14.51 13.28
CA ASP A 15 -7.50 -15.88 12.84
C ASP A 15 -8.37 -16.85 13.63
N ARG A 16 -8.55 -16.57 14.92
CA ARG A 16 -9.38 -17.44 15.76
C ARG A 16 -10.82 -17.45 15.27
N VAL A 17 -11.33 -16.28 14.95
CA VAL A 17 -12.70 -16.14 14.46
C VAL A 17 -12.93 -16.85 13.13
N LEU A 18 -11.97 -16.73 12.22
CA LEU A 18 -12.11 -17.35 10.91
C LEU A 18 -12.07 -18.86 11.01
N GLU A 19 -11.23 -19.36 11.90
CA GLU A 19 -11.11 -20.80 12.08
C GLU A 19 -12.50 -21.36 12.40
N GLU A 20 -13.22 -20.67 13.28
CA GLU A 20 -14.56 -21.11 13.67
C GLU A 20 -15.58 -20.99 12.56
N MET A 21 -15.47 -19.95 11.74
CA MET A 21 -16.44 -19.76 10.67
C MET A 21 -16.40 -20.86 9.63
N ILE A 22 -15.20 -21.19 9.17
CA ILE A 22 -15.02 -22.21 8.15
C ILE A 22 -15.82 -23.49 8.41
N VAL A 23 -15.90 -23.91 9.67
CA VAL A 23 -16.64 -25.11 10.02
C VAL A 23 -18.10 -25.09 9.55
N PHE A 24 -18.74 -23.93 9.65
CA PHE A 24 -20.13 -23.80 9.24
C PHE A 24 -20.33 -23.63 7.73
N TYR A 25 -19.25 -23.41 7.00
CA TYR A 25 -19.33 -23.27 5.54
C TYR A 25 -19.25 -24.63 4.87
N ARG A 26 -18.35 -25.47 5.34
CA ARG A 26 -18.16 -26.77 4.72
C ARG A 26 -18.70 -27.98 5.46
N GLU A 27 -18.82 -27.91 6.77
CA GLU A 27 -19.33 -29.05 7.51
C GLU A 27 -20.72 -28.82 8.08
N LYS A 28 -20.86 -27.89 9.02
CA LYS A 28 -22.14 -27.60 9.64
C LYS A 28 -22.91 -26.50 8.90
N TYR A 29 -23.20 -26.77 7.62
CA TYR A 29 -23.88 -25.80 6.77
C TYR A 29 -25.39 -25.89 6.70
N GLY A 30 -25.98 -26.66 7.62
CA GLY A 30 -27.42 -26.80 7.62
C GLY A 30 -28.14 -25.48 7.82
N ASN A 31 -29.42 -25.45 7.45
CA ASN A 31 -30.20 -24.25 7.61
C ASN A 31 -30.90 -24.32 8.97
N PRO A 32 -30.57 -23.38 9.87
CA PRO A 32 -31.11 -23.31 11.24
C PRO A 32 -32.63 -23.45 11.38
N ASN A 33 -33.37 -23.21 10.31
CA ASN A 33 -34.83 -23.30 10.36
C ASN A 33 -35.33 -24.67 9.96
N SER A 34 -34.42 -25.61 9.77
CA SER A 34 -34.80 -26.95 9.37
C SER A 34 -35.02 -27.83 10.59
N ALA A 35 -35.93 -28.78 10.46
CA ALA A 35 -36.26 -29.66 11.57
C ALA A 35 -35.34 -30.88 11.69
N HIS A 36 -34.68 -31.25 10.60
CA HIS A 36 -33.79 -32.41 10.63
C HIS A 36 -32.52 -32.14 11.44
N GLY A 37 -31.70 -33.18 11.58
CA GLY A 37 -30.47 -33.07 12.34
C GLY A 37 -29.55 -31.89 12.05
N MET A 38 -29.22 -31.68 10.78
CA MET A 38 -28.34 -30.58 10.41
C MET A 38 -28.99 -29.24 10.69
N GLY A 39 -30.31 -29.18 10.54
CA GLY A 39 -31.01 -27.93 10.82
C GLY A 39 -30.82 -27.62 12.29
N ILE A 40 -31.11 -28.62 13.13
CA ILE A 40 -30.99 -28.50 14.58
C ILE A 40 -29.58 -28.11 15.00
N GLU A 41 -28.59 -28.78 14.43
CA GLU A 41 -27.18 -28.52 14.73
C GLU A 41 -26.84 -27.05 14.49
N ALA A 42 -27.26 -26.52 13.36
CA ALA A 42 -26.97 -25.14 13.02
C ALA A 42 -27.68 -24.22 13.99
N ASN A 43 -28.95 -24.51 14.25
CA ASN A 43 -29.71 -23.68 15.17
C ASN A 43 -29.10 -23.63 16.56
N LEU A 44 -28.54 -24.74 17.00
CA LEU A 44 -27.94 -24.81 18.31
C LEU A 44 -26.80 -23.82 18.37
N HIS A 45 -25.91 -23.89 17.39
CA HIS A 45 -24.76 -23.00 17.33
C HIS A 45 -25.15 -21.53 17.18
N MET A 46 -26.17 -21.25 16.39
CA MET A 46 -26.60 -19.87 16.23
C MET A 46 -27.08 -19.36 17.58
N GLU A 47 -27.85 -20.16 18.31
CA GLU A 47 -28.31 -19.73 19.62
C GLU A 47 -27.18 -19.57 20.65
N LYS A 48 -26.12 -20.35 20.53
CA LYS A 48 -25.02 -20.19 21.47
C LYS A 48 -24.41 -18.82 21.18
N ALA A 49 -24.30 -18.50 19.90
CA ALA A 49 -23.77 -17.21 19.47
C ALA A 49 -24.57 -16.10 20.13
N ARG A 50 -25.89 -16.16 19.98
CA ARG A 50 -26.77 -15.16 20.57
C ARG A 50 -26.55 -15.09 22.08
N GLU A 51 -26.28 -16.23 22.70
CA GLU A 51 -26.06 -16.27 24.14
C GLU A 51 -24.72 -15.71 24.54
N LYS A 52 -23.71 -15.92 23.70
CA LYS A 52 -22.37 -15.43 23.99
C LYS A 52 -22.37 -13.90 23.98
N VAL A 53 -23.16 -13.32 23.08
CA VAL A 53 -23.26 -11.87 22.95
C VAL A 53 -24.00 -11.29 24.14
N ALA A 54 -25.15 -11.87 24.45
CA ALA A 54 -25.95 -11.38 25.58
C ALA A 54 -25.07 -11.38 26.84
N LYS A 55 -24.32 -12.46 27.02
CA LYS A 55 -23.44 -12.54 28.18
C LYS A 55 -22.44 -11.40 28.16
N VAL A 56 -21.76 -11.21 27.03
CA VAL A 56 -20.77 -10.15 26.87
C VAL A 56 -21.36 -8.76 27.10
N LEU A 57 -22.51 -8.47 26.51
CA LEU A 57 -23.13 -7.15 26.66
C LEU A 57 -23.90 -6.99 27.97
N GLY A 58 -24.12 -8.10 28.67
CA GLY A 58 -24.84 -8.06 29.94
C GLY A 58 -26.36 -7.93 29.83
N VAL A 59 -26.97 -8.69 28.92
CA VAL A 59 -28.41 -8.65 28.76
C VAL A 59 -28.92 -10.07 28.51
N SER A 60 -30.20 -10.17 28.16
CA SER A 60 -30.81 -11.48 27.90
C SER A 60 -30.76 -11.85 26.42
N PRO A 61 -30.46 -13.12 26.12
CA PRO A 61 -30.39 -13.60 24.74
C PRO A 61 -31.57 -13.14 23.91
N SER A 62 -32.76 -13.18 24.49
CA SER A 62 -33.98 -12.78 23.79
C SER A 62 -33.98 -11.34 23.31
N GLU A 63 -33.01 -10.54 23.77
CA GLU A 63 -32.95 -9.14 23.38
C GLU A 63 -31.85 -8.86 22.36
N ILE A 64 -31.28 -9.95 21.82
CA ILE A 64 -30.21 -9.83 20.82
C ILE A 64 -30.73 -10.29 19.46
N PHE A 65 -30.67 -9.41 18.46
CA PHE A 65 -31.12 -9.77 17.11
C PHE A 65 -29.99 -9.59 16.11
N PHE A 66 -29.79 -10.58 15.24
CA PHE A 66 -28.73 -10.48 14.24
C PHE A 66 -29.23 -9.90 12.92
N THR A 67 -28.46 -8.94 12.39
CA THR A 67 -28.79 -8.27 11.15
C THR A 67 -27.62 -8.36 10.17
N SER A 68 -27.70 -7.65 9.06
CA SER A 68 -26.64 -7.71 8.06
C SER A 68 -25.53 -6.68 8.28
N CYS A 69 -25.77 -5.76 9.20
CA CYS A 69 -24.80 -4.72 9.50
C CYS A 69 -25.42 -3.67 10.40
N ALA A 70 -24.59 -2.78 10.93
CA ALA A 70 -25.07 -1.75 11.83
C ALA A 70 -26.09 -0.84 11.11
N THR A 71 -25.82 -0.52 9.85
CA THR A 71 -26.71 0.33 9.10
C THR A 71 -28.13 -0.26 9.06
N GLU A 72 -28.25 -1.57 8.80
CA GLU A 72 -29.57 -2.18 8.76
C GLU A 72 -30.22 -2.05 10.14
N SER A 73 -29.44 -2.29 11.19
CA SER A 73 -29.97 -2.20 12.55
C SER A 73 -30.51 -0.81 12.82
N ILE A 74 -29.77 0.20 12.39
CA ILE A 74 -30.18 1.58 12.60
C ILE A 74 -31.43 1.96 11.79
N ASN A 75 -31.49 1.53 10.53
CA ASN A 75 -32.66 1.80 9.71
C ASN A 75 -33.85 1.13 10.37
N TRP A 76 -33.70 -0.17 10.61
CA TRP A 76 -34.74 -0.97 11.22
C TRP A 76 -35.34 -0.35 12.48
N ILE A 77 -34.48 0.03 13.42
CA ILE A 77 -34.94 0.63 14.68
C ILE A 77 -35.59 2.02 14.55
N LEU A 78 -34.89 2.96 13.94
CA LEU A 78 -35.45 4.30 13.80
C LEU A 78 -36.76 4.27 13.02
N LYS A 79 -36.76 3.64 11.85
CA LYS A 79 -37.95 3.59 11.02
C LYS A 79 -39.14 2.89 11.67
N THR A 80 -38.98 1.65 12.12
CA THR A 80 -40.13 0.96 12.72
C THR A 80 -40.63 1.60 14.03
N VAL A 81 -39.73 2.05 14.89
CA VAL A 81 -40.14 2.70 16.13
C VAL A 81 -40.94 3.92 15.74
N ALA A 82 -40.44 4.66 14.76
CA ALA A 82 -41.13 5.86 14.29
C ALA A 82 -42.51 5.44 13.79
N GLU A 83 -42.54 4.38 12.97
CA GLU A 83 -43.78 3.87 12.41
C GLU A 83 -44.88 3.65 13.47
N THR A 84 -44.50 3.08 14.61
CA THR A 84 -45.44 2.81 15.69
C THR A 84 -45.94 4.06 16.41
N PHE A 85 -45.40 5.22 16.06
CA PHE A 85 -45.81 6.46 16.70
C PHE A 85 -46.49 7.40 15.72
N GLU A 86 -46.91 6.88 14.58
CA GLU A 86 -47.58 7.70 13.59
C GLU A 86 -48.89 8.22 14.17
N LYS A 87 -49.21 9.47 13.89
CA LYS A 87 -50.45 10.07 14.39
C LYS A 87 -50.51 10.12 15.91
N ARG A 88 -49.39 9.82 16.56
CA ARG A 88 -49.31 9.83 18.03
C ARG A 88 -48.20 10.79 18.47
N LYS A 89 -46.96 10.48 18.14
CA LYS A 89 -45.83 11.34 18.47
C LYS A 89 -45.13 11.67 17.15
N ARG A 90 -44.34 12.73 17.12
CA ARG A 90 -43.70 13.14 15.87
C ARG A 90 -42.31 13.75 16.05
N THR A 91 -41.78 13.71 17.27
CA THR A 91 -40.48 14.29 17.54
C THR A 91 -39.36 13.29 17.81
N ILE A 92 -38.26 13.45 17.08
CA ILE A 92 -37.08 12.59 17.22
C ILE A 92 -35.91 13.53 17.44
N ILE A 93 -35.08 13.21 18.44
CA ILE A 93 -33.92 14.04 18.74
C ILE A 93 -32.63 13.25 18.50
N THR A 94 -31.62 13.93 18.00
CA THR A 94 -30.32 13.29 17.76
C THR A 94 -29.22 14.36 17.73
N THR A 95 -28.07 14.06 17.15
CA THR A 95 -26.97 15.03 17.10
C THR A 95 -26.47 15.20 15.68
N PRO A 96 -25.65 16.24 15.42
CA PRO A 96 -25.12 16.47 14.08
C PRO A 96 -23.85 15.68 13.77
N ILE A 97 -23.27 15.03 14.77
CA ILE A 97 -22.05 14.25 14.56
C ILE A 97 -22.31 12.75 14.37
N GLU A 98 -23.56 12.38 14.18
CA GLU A 98 -23.91 10.98 13.98
C GLU A 98 -23.44 10.50 12.61
N HIS A 99 -23.30 9.19 12.49
CA HIS A 99 -22.87 8.57 11.24
C HIS A 99 -24.02 8.74 10.24
N LYS A 100 -23.72 8.83 8.94
CA LYS A 100 -24.78 8.99 7.95
C LYS A 100 -25.88 7.95 8.08
N ALA A 101 -25.54 6.76 8.55
CA ALA A 101 -26.55 5.72 8.72
C ALA A 101 -27.69 6.36 9.48
N VAL A 102 -27.35 7.08 10.55
CA VAL A 102 -28.37 7.74 11.35
C VAL A 102 -28.87 8.99 10.66
N LEU A 103 -27.96 9.89 10.30
CA LEU A 103 -28.37 11.14 9.68
C LEU A 103 -29.28 11.03 8.47
N GLU A 104 -29.00 10.10 7.57
CA GLU A 104 -29.84 9.93 6.37
C GLU A 104 -31.19 9.34 6.74
N THR A 105 -31.21 8.42 7.71
CA THR A 105 -32.47 7.82 8.13
C THR A 105 -33.34 8.95 8.68
N MET A 106 -32.70 9.87 9.40
CA MET A 106 -33.40 11.00 9.99
C MET A 106 -33.93 11.90 8.89
N LYS A 107 -33.07 12.22 7.93
CA LYS A 107 -33.47 13.05 6.81
C LYS A 107 -34.70 12.43 6.18
N TYR A 108 -34.71 11.10 6.12
CA TYR A 108 -35.80 10.33 5.54
C TYR A 108 -37.11 10.52 6.31
N LEU A 109 -37.06 10.32 7.62
CA LEU A 109 -38.23 10.46 8.47
C LEU A 109 -38.79 11.89 8.43
N SER A 110 -37.90 12.88 8.32
CA SER A 110 -38.35 14.27 8.27
C SER A 110 -39.25 14.40 7.04
N MET A 111 -38.74 13.97 5.89
CA MET A 111 -39.47 14.03 4.64
C MET A 111 -40.80 13.29 4.75
N LYS A 112 -40.85 12.33 5.65
CA LYS A 112 -42.06 11.56 5.87
C LYS A 112 -42.97 12.19 6.91
N GLY A 113 -42.66 13.42 7.30
CA GLY A 113 -43.50 14.11 8.26
C GLY A 113 -43.12 14.18 9.73
N PHE A 114 -42.00 13.58 10.11
CA PHE A 114 -41.61 13.65 11.52
C PHE A 114 -40.79 14.90 11.78
N LYS A 115 -40.77 15.34 13.04
CA LYS A 115 -40.00 16.52 13.39
C LYS A 115 -38.67 16.11 14.02
N VAL A 116 -37.57 16.34 13.30
CA VAL A 116 -36.25 15.99 13.80
C VAL A 116 -35.49 17.19 14.37
N LYS A 117 -35.08 17.10 15.62
CA LYS A 117 -34.34 18.17 16.28
C LYS A 117 -32.89 17.73 16.50
N TYR A 118 -31.95 18.66 16.31
CA TYR A 118 -30.53 18.34 16.48
C TYR A 118 -29.81 19.09 17.60
N VAL A 119 -29.48 18.38 18.68
CA VAL A 119 -28.75 18.99 19.78
C VAL A 119 -27.33 19.24 19.31
N PRO A 120 -26.78 20.44 19.57
CA PRO A 120 -25.42 20.75 19.14
C PRO A 120 -24.32 20.15 20.04
N VAL A 121 -23.09 20.18 19.53
CA VAL A 121 -21.93 19.67 20.26
C VAL A 121 -20.95 20.81 20.53
N ASP A 122 -20.09 20.63 21.52
CA ASP A 122 -19.11 21.65 21.89
C ASP A 122 -17.91 21.54 20.93
N SER A 123 -16.89 22.36 21.15
CA SER A 123 -15.71 22.34 20.27
C SER A 123 -14.94 21.02 20.28
N ARG A 124 -15.02 20.27 21.37
CA ARG A 124 -14.31 18.99 21.46
C ARG A 124 -15.14 17.87 20.80
N GLY A 125 -16.37 18.18 20.40
CA GLY A 125 -17.22 17.19 19.78
C GLY A 125 -18.16 16.49 20.76
N VAL A 126 -18.22 16.98 22.00
CA VAL A 126 -19.10 16.39 23.01
C VAL A 126 -20.47 17.03 22.92
N VAL A 127 -21.52 16.22 23.05
CA VAL A 127 -22.89 16.72 22.98
C VAL A 127 -23.10 17.76 24.07
N LYS A 128 -23.93 18.75 23.80
CA LYS A 128 -24.23 19.80 24.78
C LYS A 128 -25.44 19.42 25.63
N LEU A 129 -25.18 18.90 26.83
CA LEU A 129 -26.23 18.47 27.72
C LEU A 129 -27.32 19.50 28.04
N GLU A 130 -26.94 20.73 28.40
CA GLU A 130 -27.95 21.75 28.71
C GLU A 130 -28.93 21.88 27.55
N GLU A 131 -28.41 22.13 26.36
CA GLU A 131 -29.25 22.28 25.19
C GLU A 131 -30.16 21.06 24.98
N LEU A 132 -29.71 19.88 25.44
CA LEU A 132 -30.50 18.67 25.31
C LEU A 132 -31.70 18.66 26.25
N GLU A 133 -31.51 19.15 27.47
CA GLU A 133 -32.61 19.18 28.43
C GLU A 133 -33.78 19.99 27.87
N LYS A 134 -33.48 21.11 27.22
CA LYS A 134 -34.52 21.96 26.66
C LYS A 134 -35.23 21.36 25.45
N LEU A 135 -34.48 20.71 24.57
CA LEU A 135 -35.06 20.12 23.37
C LEU A 135 -36.07 19.02 23.64
N VAL A 136 -35.71 18.09 24.51
CA VAL A 136 -36.63 17.00 24.84
C VAL A 136 -37.95 17.54 25.38
N ASP A 137 -39.05 17.17 24.74
CA ASP A 137 -40.38 17.59 25.18
C ASP A 137 -41.39 16.44 25.17
N GLU A 138 -42.65 16.75 25.43
CA GLU A 138 -43.71 15.72 25.46
C GLU A 138 -43.89 14.98 24.15
N ASP A 139 -43.63 15.63 23.03
CA ASP A 139 -43.81 14.99 21.74
C ASP A 139 -42.57 14.20 21.29
N THR A 140 -41.56 14.13 22.14
CA THR A 140 -40.34 13.39 21.79
C THR A 140 -40.44 11.92 22.19
N PHE A 141 -40.54 11.05 21.18
CA PHE A 141 -40.66 9.62 21.44
C PHE A 141 -39.32 8.85 21.36
N LEU A 142 -38.34 9.43 20.68
CA LEU A 142 -37.05 8.77 20.54
C LEU A 142 -35.87 9.73 20.44
N VAL A 143 -34.77 9.35 21.08
CA VAL A 143 -33.53 10.12 21.07
C VAL A 143 -32.45 9.15 20.58
N SER A 144 -31.72 9.52 19.54
CA SER A 144 -30.67 8.67 18.99
C SER A 144 -29.29 9.31 19.18
N ILE A 145 -28.44 8.65 19.95
CA ILE A 145 -27.11 9.16 20.24
C ILE A 145 -25.99 8.11 20.09
N MET A 146 -24.82 8.55 19.65
CA MET A 146 -23.69 7.61 19.50
C MET A 146 -22.80 7.58 20.75
N ALA A 147 -22.25 6.42 21.07
CA ALA A 147 -21.41 6.26 22.24
C ALA A 147 -20.01 6.86 22.06
N ALA A 148 -19.61 7.04 20.82
CA ALA A 148 -18.30 7.58 20.48
C ALA A 148 -18.26 7.90 18.98
N ASN A 149 -17.76 9.07 18.62
CA ASN A 149 -17.71 9.45 17.23
C ASN A 149 -16.62 8.67 16.50
N ASN A 150 -16.90 8.32 15.24
CA ASN A 150 -15.98 7.53 14.43
C ASN A 150 -14.89 8.31 13.70
N GLU A 151 -15.12 9.59 13.46
CA GLU A 151 -14.16 10.42 12.75
C GLU A 151 -13.12 11.10 13.64
N VAL A 152 -13.53 11.61 14.79
CA VAL A 152 -12.59 12.28 15.70
C VAL A 152 -12.36 11.51 17.01
N GLY A 153 -13.14 10.48 17.25
CA GLY A 153 -12.98 9.65 18.44
C GLY A 153 -13.64 10.11 19.74
N THR A 154 -14.27 11.28 19.72
CA THR A 154 -14.91 11.82 20.91
C THR A 154 -15.91 10.88 21.57
N ILE A 155 -15.74 10.61 22.85
CA ILE A 155 -16.67 9.74 23.58
C ILE A 155 -17.88 10.54 24.08
N GLN A 156 -19.07 9.93 24.03
CA GLN A 156 -20.28 10.62 24.47
C GLN A 156 -20.75 10.19 25.86
N PRO A 157 -21.30 11.14 26.63
CA PRO A 157 -21.81 10.89 27.99
C PRO A 157 -23.16 10.19 27.93
N VAL A 158 -23.16 8.95 27.47
CA VAL A 158 -24.40 8.17 27.34
C VAL A 158 -25.15 8.11 28.67
N GLU A 159 -24.46 7.69 29.74
CA GLU A 159 -25.10 7.60 31.05
C GLU A 159 -25.88 8.87 31.34
N ASP A 160 -25.20 10.01 31.31
CA ASP A 160 -25.84 11.30 31.58
C ASP A 160 -27.00 11.54 30.63
N VAL A 161 -26.72 11.43 29.34
CA VAL A 161 -27.74 11.64 28.31
C VAL A 161 -29.02 10.85 28.59
N THR A 162 -28.89 9.60 29.01
CA THR A 162 -30.06 8.78 29.31
C THR A 162 -30.75 9.35 30.54
N ARG A 163 -29.96 9.64 31.57
CA ARG A 163 -30.46 10.21 32.81
C ARG A 163 -31.24 11.50 32.54
N ILE A 164 -30.62 12.43 31.82
CA ILE A 164 -31.26 13.70 31.51
C ILE A 164 -32.56 13.52 30.73
N VAL A 165 -32.60 12.56 29.81
CA VAL A 165 -33.79 12.32 29.02
C VAL A 165 -34.91 11.67 29.84
N LYS A 166 -34.54 10.82 30.79
CA LYS A 166 -35.55 10.18 31.61
C LYS A 166 -36.24 11.24 32.46
N LYS A 167 -35.46 12.13 33.05
CA LYS A 167 -36.02 13.20 33.89
C LYS A 167 -36.99 14.10 33.14
N LYS A 168 -36.62 14.54 31.94
CA LYS A 168 -37.47 15.42 31.16
C LYS A 168 -38.72 14.73 30.58
N ASN A 169 -38.67 13.40 30.47
CA ASN A 169 -39.81 12.64 29.93
C ASN A 169 -39.59 11.15 30.12
N LYS A 170 -40.22 10.58 31.15
CA LYS A 170 -40.09 9.16 31.45
C LYS A 170 -40.51 8.21 30.33
N GLU A 171 -41.11 8.74 29.27
CA GLU A 171 -41.57 7.87 28.19
C GLU A 171 -40.68 7.81 26.96
N THR A 172 -39.76 8.76 26.80
CA THR A 172 -38.90 8.78 25.62
C THR A 172 -37.91 7.62 25.52
N LEU A 173 -37.88 6.99 24.35
CA LEU A 173 -36.98 5.86 24.09
C LEU A 173 -35.60 6.34 23.63
N VAL A 174 -34.57 5.61 24.05
CA VAL A 174 -33.20 5.96 23.69
C VAL A 174 -32.50 4.85 22.90
N HIS A 175 -31.92 5.23 21.76
CA HIS A 175 -31.17 4.27 20.95
C HIS A 175 -29.73 4.75 20.86
N VAL A 176 -28.79 3.83 21.05
CA VAL A 176 -27.37 4.16 21.00
C VAL A 176 -26.57 3.45 19.91
N ASP A 177 -25.92 4.23 19.05
CA ASP A 177 -25.05 3.66 18.02
C ASP A 177 -23.74 3.37 18.75
N ALA A 178 -23.58 2.12 19.18
CA ALA A 178 -22.39 1.70 19.91
C ALA A 178 -21.33 0.99 19.06
N VAL A 179 -21.35 1.24 17.75
CA VAL A 179 -20.40 0.64 16.83
C VAL A 179 -18.92 0.77 17.19
N GLN A 180 -18.49 1.97 17.55
CA GLN A 180 -17.10 2.23 17.88
C GLN A 180 -16.65 1.90 19.30
N THR A 181 -17.48 1.16 20.05
CA THR A 181 -17.13 0.83 21.42
C THR A 181 -16.31 -0.45 21.55
N ILE A 182 -16.94 -1.58 21.26
CA ILE A 182 -16.33 -2.88 21.36
C ILE A 182 -14.85 -2.97 20.99
N GLY A 183 -14.06 -3.54 21.91
CA GLY A 183 -12.63 -3.72 21.70
C GLY A 183 -11.82 -2.46 21.96
N LYS A 184 -12.51 -1.34 22.12
CA LYS A 184 -11.81 -0.10 22.33
C LYS A 184 -12.12 0.52 23.70
N ILE A 185 -13.40 0.62 24.04
CA ILE A 185 -13.78 1.15 25.35
C ILE A 185 -14.83 0.22 25.94
N PRO A 186 -14.82 0.03 27.26
CA PRO A 186 -15.82 -0.86 27.83
C PRO A 186 -17.22 -0.31 27.58
N PHE A 187 -18.14 -1.21 27.26
CA PHE A 187 -19.51 -0.80 27.00
C PHE A 187 -20.47 -1.92 27.37
N SER A 188 -21.23 -1.71 28.43
CA SER A 188 -22.20 -2.70 28.89
C SER A 188 -23.59 -2.09 28.92
N LEU A 189 -24.58 -2.89 28.53
CA LEU A 189 -25.95 -2.42 28.51
C LEU A 189 -26.69 -2.80 29.79
N GLU A 190 -26.05 -3.65 30.59
CA GLU A 190 -26.66 -4.12 31.82
C GLU A 190 -27.40 -3.07 32.62
N LYS A 191 -26.73 -1.98 32.96
CA LYS A 191 -27.39 -0.95 33.75
C LYS A 191 -27.56 0.37 33.03
N LEU A 192 -27.03 0.46 31.82
CA LEU A 192 -27.09 1.69 31.03
C LEU A 192 -28.50 2.27 30.83
N GLU A 193 -29.51 1.44 31.01
CA GLU A 193 -30.90 1.86 30.83
C GLU A 193 -31.26 2.45 29.47
N VAL A 194 -30.85 1.80 28.40
CA VAL A 194 -31.20 2.28 27.08
C VAL A 194 -32.15 1.26 26.44
N ASP A 195 -32.80 1.64 25.36
CA ASP A 195 -33.76 0.75 24.73
C ASP A 195 -33.26 0.07 23.47
N TYR A 196 -32.34 0.72 22.76
CA TYR A 196 -31.82 0.16 21.53
C TYR A 196 -30.32 0.41 21.37
N ALA A 197 -29.63 -0.56 20.79
CA ALA A 197 -28.20 -0.44 20.55
C ALA A 197 -27.81 -1.16 19.26
N SER A 198 -26.99 -0.49 18.44
CA SER A 198 -26.52 -1.03 17.18
C SER A 198 -25.03 -1.31 17.19
N PHE A 199 -24.62 -2.36 16.48
CA PHE A 199 -23.22 -2.74 16.38
C PHE A 199 -22.90 -3.27 14.99
N SER A 200 -21.61 -3.35 14.67
CA SER A 200 -21.15 -3.88 13.39
C SER A 200 -19.89 -4.67 13.64
N ALA A 201 -20.00 -5.99 13.53
CA ALA A 201 -18.90 -6.91 13.80
C ALA A 201 -17.55 -6.59 13.17
N HIS A 202 -17.53 -6.15 11.92
CA HIS A 202 -16.25 -5.90 11.25
C HIS A 202 -15.42 -4.73 11.80
N LYS A 203 -15.94 -4.03 12.80
CA LYS A 203 -15.22 -2.93 13.41
C LYS A 203 -14.36 -3.46 14.55
N PHE A 204 -14.59 -4.73 14.94
CA PHE A 204 -13.82 -5.33 16.02
C PHE A 204 -13.30 -6.72 15.69
N HIS A 205 -12.81 -6.84 14.46
CA HIS A 205 -12.24 -8.09 13.99
C HIS A 205 -13.25 -9.20 13.74
N GLY A 206 -14.50 -8.81 13.46
CA GLY A 206 -15.52 -9.79 13.15
C GLY A 206 -15.69 -9.76 11.64
N PRO A 207 -16.45 -10.68 11.04
CA PRO A 207 -16.57 -10.61 9.58
C PRO A 207 -17.51 -9.49 9.14
N LYS A 208 -17.32 -9.00 7.92
CA LYS A 208 -18.21 -7.96 7.41
C LYS A 208 -19.52 -8.66 7.10
N GLY A 209 -20.60 -7.89 6.96
CA GLY A 209 -21.88 -8.48 6.65
C GLY A 209 -22.65 -9.03 7.85
N VAL A 210 -22.34 -8.52 9.04
CA VAL A 210 -23.04 -8.97 10.26
C VAL A 210 -23.29 -7.79 11.20
N GLY A 211 -24.56 -7.60 11.56
CA GLY A 211 -24.90 -6.53 12.47
C GLY A 211 -25.48 -7.12 13.73
N ILE A 212 -25.20 -6.51 14.88
CA ILE A 212 -25.76 -7.02 16.13
C ILE A 212 -26.67 -5.96 16.72
N THR A 213 -27.90 -6.39 17.05
CA THR A 213 -28.89 -5.48 17.56
C THR A 213 -29.42 -5.81 18.94
N TYR A 214 -29.50 -4.78 19.78
CA TYR A 214 -30.03 -4.94 21.13
C TYR A 214 -31.37 -4.23 21.22
N ILE A 215 -32.40 -4.96 21.66
CA ILE A 215 -33.72 -4.37 21.82
C ILE A 215 -34.23 -4.77 23.19
N ARG A 216 -34.50 -3.79 24.04
CA ARG A 216 -34.99 -4.06 25.40
C ARG A 216 -36.31 -4.81 25.40
N LYS A 217 -36.38 -5.86 26.19
CA LYS A 217 -37.59 -6.67 26.29
C LYS A 217 -38.78 -5.78 26.59
N GLY A 218 -39.67 -5.63 25.61
CA GLY A 218 -40.85 -4.80 25.81
C GLY A 218 -41.03 -3.60 24.90
N VAL A 219 -39.98 -2.84 24.66
CA VAL A 219 -40.09 -1.64 23.82
C VAL A 219 -40.65 -1.93 22.43
N PRO A 220 -41.18 -0.89 21.75
CA PRO A 220 -41.74 -1.02 20.41
C PRO A 220 -40.72 -1.47 19.37
N ILE A 221 -41.23 -2.00 18.26
CA ILE A 221 -40.39 -2.47 17.16
C ILE A 221 -41.28 -3.20 16.17
N ARG A 222 -40.85 -3.21 14.92
CA ARG A 222 -41.60 -3.89 13.88
C ARG A 222 -40.60 -4.40 12.84
N PRO A 223 -41.01 -5.38 12.02
CA PRO A 223 -40.09 -5.90 11.00
C PRO A 223 -39.73 -4.88 9.94
N LEU A 224 -38.46 -4.82 9.58
CA LEU A 224 -38.04 -3.94 8.51
C LEU A 224 -37.99 -4.90 7.33
N ILE A 225 -37.69 -6.17 7.63
CA ILE A 225 -37.61 -7.24 6.63
C ILE A 225 -38.65 -8.33 6.95
N HIS A 226 -39.75 -8.37 6.19
CA HIS A 226 -40.81 -9.37 6.41
C HIS A 226 -40.52 -10.68 5.67
N GLY A 227 -40.95 -11.81 6.24
CA GLY A 227 -40.71 -13.06 5.55
C GLY A 227 -40.95 -14.37 6.31
N GLY A 228 -39.99 -15.27 6.19
CA GLY A 228 -40.09 -16.58 6.84
C GLY A 228 -40.23 -16.59 8.35
N GLY A 229 -40.04 -15.45 9.01
CA GLY A 229 -40.19 -15.43 10.45
C GLY A 229 -38.94 -15.69 11.29
N GLN A 230 -37.75 -15.61 10.71
CA GLN A 230 -36.53 -15.82 11.48
C GLN A 230 -36.37 -14.70 12.49
N GLU A 231 -35.41 -14.86 13.40
CA GLU A 231 -35.16 -13.87 14.44
C GLU A 231 -36.46 -13.46 15.12
N ARG A 232 -37.14 -14.45 15.69
CA ARG A 232 -38.39 -14.24 16.39
C ARG A 232 -39.44 -13.51 15.57
N GLY A 233 -39.40 -13.75 14.26
CA GLY A 233 -40.35 -13.10 13.37
C GLY A 233 -40.11 -11.61 13.16
N LEU A 234 -39.01 -11.08 13.69
CA LEU A 234 -38.71 -9.66 13.54
C LEU A 234 -37.69 -9.31 12.44
N ARG A 235 -36.96 -10.29 11.95
CA ARG A 235 -35.96 -10.06 10.90
C ARG A 235 -35.83 -11.34 10.09
N SER A 236 -36.62 -11.47 9.04
CA SER A 236 -36.62 -12.67 8.22
C SER A 236 -35.44 -12.81 7.26
N GLY A 237 -35.33 -14.00 6.68
CA GLY A 237 -34.24 -14.31 5.77
C GLY A 237 -33.38 -15.37 6.41
N THR A 238 -32.71 -16.19 5.61
CA THR A 238 -31.85 -17.22 6.15
C THR A 238 -30.74 -16.53 6.95
N GLN A 239 -30.47 -17.04 8.14
CA GLN A 239 -29.45 -16.45 8.98
C GLN A 239 -28.04 -16.72 8.48
N ASN A 240 -27.19 -15.71 8.59
CA ASN A 240 -25.80 -15.83 8.18
C ASN A 240 -25.08 -16.55 9.34
N VAL A 241 -25.40 -17.84 9.50
CA VAL A 241 -24.83 -18.65 10.58
C VAL A 241 -23.31 -18.50 10.74
N PRO A 242 -22.55 -18.67 9.65
CA PRO A 242 -21.09 -18.53 9.74
C PRO A 242 -20.73 -17.13 10.23
N GLY A 243 -21.47 -16.15 9.74
CA GLY A 243 -21.22 -14.79 10.14
C GLY A 243 -21.56 -14.56 11.59
N ILE A 244 -22.70 -15.10 12.02
CA ILE A 244 -23.13 -14.95 13.40
C ILE A 244 -22.16 -15.61 14.38
N VAL A 245 -21.86 -16.90 14.17
CA VAL A 245 -20.93 -17.59 15.04
C VAL A 245 -19.62 -16.81 15.16
N GLY A 246 -19.15 -16.28 14.04
CA GLY A 246 -17.92 -15.51 14.04
C GLY A 246 -18.03 -14.18 14.77
N ALA A 247 -19.12 -13.45 14.52
CA ALA A 247 -19.31 -12.15 15.16
C ALA A 247 -19.35 -12.29 16.67
N ALA A 248 -20.06 -13.29 17.17
CA ALA A 248 -20.16 -13.49 18.61
C ALA A 248 -18.80 -13.84 19.21
N ARG A 249 -18.03 -14.64 18.49
CA ARG A 249 -16.71 -15.04 18.96
C ARG A 249 -15.76 -13.85 18.92
N ALA A 250 -15.95 -12.95 17.94
CA ALA A 250 -15.10 -11.77 17.82
C ALA A 250 -15.42 -10.81 18.97
N MET A 251 -16.70 -10.63 19.25
CA MET A 251 -17.11 -9.74 20.33
C MET A 251 -16.59 -10.23 21.68
N GLU A 252 -16.71 -11.54 21.91
CA GLU A 252 -16.23 -12.14 23.15
C GLU A 252 -14.74 -11.88 23.35
N ILE A 253 -13.96 -12.07 22.29
CA ILE A 253 -12.52 -11.86 22.35
C ILE A 253 -12.14 -10.40 22.56
N ALA A 254 -12.69 -9.53 21.71
CA ALA A 254 -12.41 -8.10 21.79
C ALA A 254 -12.58 -7.59 23.21
N VAL A 255 -13.66 -8.00 23.86
CA VAL A 255 -13.92 -7.54 25.21
C VAL A 255 -13.05 -8.27 26.24
N GLU A 256 -12.81 -9.55 26.02
CA GLU A 256 -11.99 -10.29 26.95
C GLU A 256 -10.59 -9.73 27.03
N GLU A 257 -10.11 -9.14 25.93
CA GLU A 257 -8.76 -8.60 25.92
C GLU A 257 -8.74 -7.08 25.87
N LEU A 258 -9.88 -6.46 26.18
CA LEU A 258 -10.02 -5.01 26.15
C LEU A 258 -8.95 -4.27 26.96
N SER A 259 -8.76 -4.70 28.19
CA SER A 259 -7.79 -4.06 29.07
C SER A 259 -6.41 -3.90 28.42
N GLU A 260 -5.78 -5.01 28.07
CA GLU A 260 -4.45 -4.97 27.47
C GLU A 260 -4.43 -4.22 26.13
N ALA A 261 -5.42 -4.50 25.28
CA ALA A 261 -5.52 -3.85 23.97
C ALA A 261 -5.57 -2.33 24.06
N ALA A 262 -6.44 -1.82 24.92
CA ALA A 262 -6.59 -0.38 25.08
C ALA A 262 -5.34 0.30 25.63
N LYS A 263 -4.67 -0.35 26.60
CA LYS A 263 -3.44 0.23 27.14
C LYS A 263 -2.43 0.33 26.02
N HIS A 264 -2.27 -0.76 25.29
CA HIS A 264 -1.34 -0.83 24.18
C HIS A 264 -1.61 0.21 23.09
N MET A 265 -2.87 0.36 22.71
CA MET A 265 -3.23 1.33 21.68
C MET A 265 -3.03 2.75 22.19
N GLU A 266 -3.32 2.98 23.46
CA GLU A 266 -3.16 4.30 24.05
C GLU A 266 -1.69 4.73 24.00
N LYS A 267 -0.80 3.77 24.25
CA LYS A 267 0.63 4.03 24.22
C LYS A 267 1.03 4.40 22.79
N LEU A 268 0.77 3.50 21.84
CA LEU A 268 1.10 3.77 20.46
C LEU A 268 0.57 5.12 20.03
N ARG A 269 -0.64 5.47 20.46
CA ARG A 269 -1.21 6.77 20.09
C ARG A 269 -0.44 7.95 20.67
N SER A 270 0.02 7.83 21.91
CA SER A 270 0.73 8.96 22.50
C SER A 270 2.02 9.19 21.73
N LYS A 271 2.72 8.11 21.38
CA LYS A 271 3.95 8.25 20.62
C LYS A 271 3.68 8.94 19.28
N LEU A 272 2.51 8.67 18.71
CA LEU A 272 2.14 9.29 17.45
C LEU A 272 1.88 10.77 17.64
N VAL A 273 1.04 11.10 18.62
CA VAL A 273 0.70 12.50 18.89
C VAL A 273 1.98 13.28 19.11
N SER A 274 2.87 12.69 19.89
CA SER A 274 4.14 13.30 20.21
C SER A 274 4.88 13.64 18.91
N GLY A 275 5.21 12.61 18.13
CA GLY A 275 5.92 12.80 16.87
C GLY A 275 5.23 13.67 15.84
N LEU A 276 3.91 13.60 15.74
CA LEU A 276 3.21 14.40 14.75
C LEU A 276 3.22 15.88 15.08
N MET A 277 3.13 16.20 16.37
CA MET A 277 3.15 17.60 16.77
C MET A 277 4.55 18.14 16.49
N ASN A 278 5.55 17.28 16.63
CA ASN A 278 6.93 17.64 16.38
C ASN A 278 7.16 17.88 14.90
N LEU A 279 6.10 17.73 14.10
CA LEU A 279 6.20 17.95 12.66
C LEU A 279 5.26 19.06 12.23
N GLY A 280 4.58 19.66 13.20
CA GLY A 280 3.67 20.76 12.91
C GLY A 280 2.20 20.38 12.80
N ALA A 281 1.88 19.13 13.11
CA ALA A 281 0.50 18.66 13.01
C ALA A 281 -0.45 19.32 14.01
N HIS A 282 -1.66 19.64 13.56
CA HIS A 282 -2.67 20.18 14.46
C HIS A 282 -3.41 18.93 14.92
N ILE A 283 -3.66 18.81 16.21
CA ILE A 283 -4.37 17.66 16.73
C ILE A 283 -5.83 18.06 16.90
N ILE A 284 -6.71 17.42 16.15
CA ILE A 284 -8.13 17.72 16.21
C ILE A 284 -8.85 16.91 17.28
N THR A 285 -8.42 15.67 17.46
CA THR A 285 -9.03 14.79 18.45
C THR A 285 -8.76 15.30 19.86
N PRO A 286 -9.80 15.37 20.70
CA PRO A 286 -9.64 15.84 22.08
C PRO A 286 -9.08 14.69 22.92
N LEU A 287 -7.77 14.72 23.11
CA LEU A 287 -7.09 13.67 23.86
C LEU A 287 -7.72 13.24 25.18
N GLU A 288 -8.23 14.19 25.95
CA GLU A 288 -8.81 13.84 27.25
C GLU A 288 -10.11 13.05 27.26
N ILE A 289 -10.80 13.00 26.13
CA ILE A 289 -12.08 12.30 26.10
C ILE A 289 -12.37 11.62 24.75
N SER A 290 -11.46 10.76 24.32
CA SER A 290 -11.60 10.08 23.05
C SER A 290 -11.20 8.60 23.09
N LEU A 291 -11.46 7.90 22.00
CA LEU A 291 -11.11 6.49 21.88
C LEU A 291 -9.58 6.37 21.88
N PRO A 292 -9.03 5.41 22.64
CA PRO A 292 -7.58 5.23 22.70
C PRO A 292 -6.86 4.92 21.38
N ASN A 293 -7.60 4.61 20.33
CA ASN A 293 -7.02 4.25 19.05
C ASN A 293 -7.21 5.29 17.96
N THR A 294 -8.05 6.29 18.23
CA THR A 294 -8.35 7.29 17.22
C THR A 294 -7.56 8.59 17.34
N LEU A 295 -7.08 9.07 16.20
CA LEU A 295 -6.30 10.29 16.18
C LEU A 295 -6.48 11.09 14.90
N SER A 296 -7.28 12.16 14.99
CA SER A 296 -7.51 13.02 13.83
C SER A 296 -6.51 14.16 13.85
N VAL A 297 -5.67 14.23 12.82
CA VAL A 297 -4.67 15.28 12.72
C VAL A 297 -4.78 16.00 11.38
N SER A 298 -4.28 17.23 11.36
CA SER A 298 -4.30 18.02 10.15
C SER A 298 -3.05 18.85 10.02
N PHE A 299 -2.61 19.07 8.79
CA PHE A 299 -1.43 19.88 8.56
C PHE A 299 -1.86 21.19 7.91
N PRO A 300 -1.18 22.29 8.27
CA PRO A 300 -1.46 23.65 7.76
C PRO A 300 -1.64 23.82 6.25
N ASN A 301 -0.66 23.38 5.46
CA ASN A 301 -0.81 23.57 4.02
C ASN A 301 -0.75 22.31 3.18
N ILE A 302 -1.45 21.27 3.60
CA ILE A 302 -1.45 20.01 2.86
C ILE A 302 -2.81 19.35 2.89
N ARG A 303 -3.43 19.18 1.73
CA ARG A 303 -4.74 18.54 1.67
C ARG A 303 -4.66 17.11 2.19
N GLY A 304 -5.61 16.74 3.05
CA GLY A 304 -5.63 15.41 3.60
C GLY A 304 -5.55 14.33 2.53
N SER A 305 -6.35 14.48 1.48
CA SER A 305 -6.37 13.51 0.40
C SER A 305 -4.99 13.32 -0.20
N THR A 306 -4.26 14.43 -0.34
CA THR A 306 -2.91 14.38 -0.91
C THR A 306 -2.01 13.60 0.04
N LEU A 307 -2.08 13.97 1.30
CA LEU A 307 -1.28 13.32 2.31
C LEU A 307 -1.67 11.83 2.35
N GLN A 308 -2.95 11.56 2.19
CA GLN A 308 -3.44 10.18 2.18
C GLN A 308 -2.85 9.40 1.00
N ASN A 309 -2.90 10.02 -0.18
CA ASN A 309 -2.38 9.38 -1.39
C ASN A 309 -0.92 8.97 -1.23
N LEU A 310 -0.06 9.89 -0.80
CA LEU A 310 1.36 9.56 -0.62
C LEU A 310 1.55 8.48 0.43
N LEU A 311 0.90 8.64 1.58
CA LEU A 311 1.04 7.64 2.63
C LEU A 311 0.68 6.27 2.10
N SER A 312 -0.38 6.20 1.30
CA SER A 312 -0.80 4.94 0.71
C SER A 312 0.28 4.35 -0.19
N GLY A 313 0.98 5.24 -0.92
CA GLY A 313 2.04 4.80 -1.81
C GLY A 313 3.17 4.13 -1.07
N TYR A 314 3.29 4.42 0.23
CA TYR A 314 4.33 3.82 1.06
C TYR A 314 3.83 2.61 1.84
N GLY A 315 2.60 2.18 1.57
CA GLY A 315 2.04 1.02 2.25
C GLY A 315 1.42 1.38 3.59
N ILE A 316 0.99 2.64 3.73
CA ILE A 316 0.39 3.13 4.96
C ILE A 316 -1.03 3.60 4.65
N TYR A 317 -2.01 3.09 5.39
CA TYR A 317 -3.40 3.45 5.13
C TYR A 317 -4.12 4.19 6.24
N VAL A 318 -4.62 5.36 5.89
CA VAL A 318 -5.36 6.22 6.80
C VAL A 318 -6.53 6.75 5.98
N SER A 319 -7.53 7.32 6.64
CA SER A 319 -8.66 7.86 5.91
C SER A 319 -8.62 9.38 5.95
N THR A 320 -9.43 10.03 5.12
CA THR A 320 -9.46 11.50 5.12
C THR A 320 -10.87 11.98 5.45
N HIS A 333 -18.72 16.81 7.92
CA HIS A 333 -19.86 17.31 8.69
C HIS A 333 -19.65 17.19 10.19
N VAL A 334 -18.77 16.27 10.60
CA VAL A 334 -18.47 16.11 12.01
C VAL A 334 -17.57 17.30 12.39
N LEU A 335 -16.55 17.55 11.56
CA LEU A 335 -15.63 18.66 11.81
C LEU A 335 -16.34 20.00 11.73
N ASP A 336 -17.39 20.06 10.92
CA ASP A 336 -18.16 21.27 10.75
C ASP A 336 -19.00 21.53 12.00
N ALA A 337 -19.72 20.51 12.46
CA ALA A 337 -20.53 20.65 13.64
C ALA A 337 -19.68 21.02 14.84
N MET A 338 -18.38 20.76 14.75
CA MET A 338 -17.43 21.07 15.84
C MET A 338 -16.87 22.47 15.74
N GLY A 339 -17.18 23.16 14.63
CA GLY A 339 -16.68 24.50 14.43
C GLY A 339 -15.22 24.57 14.00
N VAL A 340 -14.75 23.50 13.36
CA VAL A 340 -13.37 23.46 12.92
C VAL A 340 -13.22 24.18 11.59
N ASP A 341 -12.28 25.12 11.55
CA ASP A 341 -12.02 25.91 10.34
C ASP A 341 -11.80 25.11 9.06
N ARG A 342 -12.42 25.57 7.99
CA ARG A 342 -12.31 24.94 6.67
C ARG A 342 -10.87 24.62 6.33
N ARG A 343 -9.98 25.57 6.55
CA ARG A 343 -8.56 25.38 6.28
C ARG A 343 -8.10 24.07 6.93
N ILE A 344 -8.27 23.98 8.24
CA ILE A 344 -7.88 22.80 8.99
C ILE A 344 -8.61 21.53 8.57
N ALA A 345 -9.92 21.62 8.43
CA ALA A 345 -10.72 20.46 8.04
C ALA A 345 -10.22 19.81 6.76
N GLN A 346 -9.83 20.62 5.78
CA GLN A 346 -9.35 20.14 4.49
C GLN A 346 -8.01 19.38 4.53
N GLY A 347 -7.31 19.45 5.65
CA GLY A 347 -6.03 18.77 5.72
C GLY A 347 -6.09 17.59 6.65
N ALA A 348 -7.24 17.43 7.30
CA ALA A 348 -7.43 16.36 8.26
C ALA A 348 -7.40 14.96 7.67
N ILE A 349 -6.65 14.07 8.32
CA ILE A 349 -6.57 12.67 7.94
C ILE A 349 -6.87 11.93 9.24
N ARG A 350 -7.41 10.72 9.16
CA ARG A 350 -7.71 9.98 10.37
C ARG A 350 -6.89 8.72 10.54
N ILE A 351 -6.18 8.66 11.67
CA ILE A 351 -5.38 7.51 12.00
C ILE A 351 -6.21 6.73 13.00
N SER A 352 -6.55 5.49 12.68
CA SER A 352 -7.34 4.70 13.59
C SER A 352 -6.69 3.34 13.76
N LEU A 353 -6.12 3.12 14.94
CA LEU A 353 -5.46 1.85 15.18
C LEU A 353 -6.56 0.81 15.38
N CYS A 354 -5.15 -0.86 15.90
CA CYS A 354 -5.95 -1.90 16.53
C CYS A 354 -5.03 -2.70 17.44
N LYS A 355 -5.62 -3.60 18.22
CA LYS A 355 -4.84 -4.44 19.12
C LYS A 355 -3.58 -5.00 18.46
N TYR A 356 -3.59 -5.14 17.15
CA TYR A 356 -2.45 -5.70 16.45
C TYR A 356 -1.40 -4.77 15.85
N ASN A 357 -1.60 -3.47 15.95
CA ASN A 357 -0.59 -2.56 15.42
C ASN A 357 0.61 -2.62 16.35
N THR A 358 1.76 -2.16 15.88
CA THR A 358 2.99 -2.23 16.68
C THR A 358 3.75 -0.93 16.70
N GLU A 359 4.70 -0.84 17.62
CA GLU A 359 5.52 0.35 17.73
C GLU A 359 6.44 0.40 16.51
N GLU A 360 6.84 -0.77 16.02
CA GLU A 360 7.71 -0.81 14.86
C GLU A 360 7.00 -0.09 13.72
N GLU A 361 5.68 -0.23 13.67
CA GLU A 361 4.86 0.41 12.65
C GLU A 361 4.76 1.91 12.90
N VAL A 362 4.63 2.30 14.15
CA VAL A 362 4.51 3.72 14.48
C VAL A 362 5.77 4.46 14.06
N ASP A 363 6.93 3.85 14.28
CA ASP A 363 8.20 4.47 13.90
C ASP A 363 8.27 4.64 12.38
N TYR A 364 7.83 3.62 11.66
CA TYR A 364 7.82 3.65 10.21
C TYR A 364 6.92 4.78 9.75
N PHE A 365 5.72 4.85 10.31
CA PHE A 365 4.76 5.89 9.94
C PHE A 365 5.38 7.27 10.11
N LEU A 366 5.90 7.54 11.31
CA LEU A 366 6.52 8.83 11.58
C LEU A 366 7.71 9.08 10.66
N LYS A 367 8.58 8.08 10.52
CA LYS A 367 9.75 8.23 9.68
C LYS A 367 9.33 8.55 8.24
N LYS A 368 8.38 7.79 7.70
CA LYS A 368 7.90 8.00 6.34
C LYS A 368 7.05 9.23 6.12
N ILE A 369 6.29 9.64 7.12
CA ILE A 369 5.44 10.81 6.89
C ILE A 369 6.29 12.07 6.86
N GLU A 370 7.47 12.00 7.45
CA GLU A 370 8.36 13.16 7.46
C GLU A 370 8.93 13.29 6.05
N GLU A 371 9.47 12.19 5.53
CA GLU A 371 10.02 12.20 4.19
C GLU A 371 8.98 12.75 3.23
N ILE A 372 7.75 12.27 3.35
CA ILE A 372 6.68 12.73 2.50
C ILE A 372 6.46 14.23 2.63
N LEU A 373 6.59 14.75 3.83
CA LEU A 373 6.38 16.18 4.03
C LEU A 373 7.44 17.02 3.34
N SER A 374 8.63 16.45 3.15
CA SER A 374 9.71 17.18 2.50
C SER A 374 9.45 17.39 1.01
N PHE A 375 8.75 16.45 0.38
CA PHE A 375 8.45 16.55 -1.04
C PHE A 375 7.25 17.45 -1.31
N LEU A 376 6.52 17.79 -0.26
CA LEU A 376 5.35 18.65 -0.38
C LEU A 376 5.70 20.08 0.05
N MET B 1 3.69 20.13 -26.97
CA MET B 1 4.71 19.91 -25.91
C MET B 1 5.12 18.43 -25.92
N ARG B 2 6.38 18.17 -26.23
CA ARG B 2 6.90 16.80 -26.27
C ARG B 2 7.29 16.40 -24.84
N VAL B 3 6.65 15.37 -24.32
CA VAL B 3 6.94 14.93 -22.96
C VAL B 3 7.46 13.50 -22.95
N TYR B 4 8.76 13.36 -22.72
CA TYR B 4 9.36 12.04 -22.70
C TYR B 4 9.42 11.47 -21.28
N PHE B 5 8.52 10.52 -20.98
CA PHE B 5 8.45 9.87 -19.68
C PHE B 5 8.77 8.36 -19.75
N ASP B 6 9.75 7.99 -20.59
CA ASP B 6 10.10 6.59 -20.78
C ASP B 6 11.61 6.37 -20.66
N ASN B 7 12.23 6.98 -19.65
CA ASN B 7 13.67 6.87 -19.48
C ASN B 7 14.21 5.55 -18.94
N ASN B 8 13.35 4.61 -18.57
CA ASN B 8 13.86 3.32 -18.09
C ASN B 8 14.10 2.46 -19.32
N ALA B 9 13.52 2.90 -20.44
CA ALA B 9 13.65 2.20 -21.72
C ALA B 9 14.96 2.64 -22.39
N THR B 10 15.16 3.96 -22.44
CA THR B 10 16.35 4.58 -22.99
C THR B 10 16.29 6.08 -22.70
N THR B 11 17.39 6.79 -22.97
CA THR B 11 17.43 8.22 -22.70
C THR B 11 18.13 8.99 -23.81
N ARG B 12 18.01 10.30 -23.76
CA ARG B 12 18.67 11.18 -24.72
C ARG B 12 20.12 11.35 -24.26
N VAL B 13 21.05 11.45 -25.20
CA VAL B 13 22.46 11.64 -24.86
C VAL B 13 22.69 13.04 -24.33
N ASP B 14 23.45 13.14 -23.25
CA ASP B 14 23.75 14.44 -22.64
C ASP B 14 24.62 15.26 -23.58
N ASP B 15 24.23 16.51 -23.82
CA ASP B 15 25.00 17.39 -24.71
C ASP B 15 26.51 17.37 -24.49
N ARG B 16 26.92 17.24 -23.23
CA ARG B 16 28.33 17.20 -22.87
C ARG B 16 28.96 15.90 -23.34
N VAL B 17 28.25 14.80 -23.18
CA VAL B 17 28.74 13.50 -23.60
C VAL B 17 28.93 13.44 -25.11
N LEU B 18 27.95 13.96 -25.86
CA LEU B 18 28.02 13.94 -27.31
C LEU B 18 29.18 14.76 -27.88
N GLU B 19 29.43 15.91 -27.28
CA GLU B 19 30.51 16.79 -27.73
C GLU B 19 31.84 16.03 -27.72
N GLU B 20 32.13 15.36 -26.61
CA GLU B 20 33.37 14.61 -26.50
C GLU B 20 33.45 13.49 -27.50
N MET B 21 32.34 12.78 -27.71
CA MET B 21 32.32 11.67 -28.64
C MET B 21 32.75 12.12 -30.03
N ILE B 22 32.16 13.21 -30.49
CA ILE B 22 32.45 13.75 -31.81
C ILE B 22 33.93 13.86 -32.14
N VAL B 23 34.75 14.15 -31.13
CA VAL B 23 36.19 14.27 -31.37
C VAL B 23 36.77 12.98 -31.92
N PHE B 24 36.32 11.86 -31.39
CA PHE B 24 36.86 10.59 -31.83
C PHE B 24 36.26 10.05 -33.12
N TYR B 25 35.27 10.76 -33.65
CA TYR B 25 34.65 10.37 -34.92
C TYR B 25 35.36 11.15 -36.02
N ARG B 26 35.66 12.42 -35.73
CA ARG B 26 36.30 13.29 -36.72
C ARG B 26 37.82 13.34 -36.70
N GLU B 27 38.39 13.55 -35.52
CA GLU B 27 39.84 13.67 -35.40
C GLU B 27 40.63 12.49 -34.84
N LYS B 28 40.31 12.06 -33.62
CA LYS B 28 41.04 10.95 -33.00
C LYS B 28 40.38 9.63 -33.32
N TYR B 29 40.21 9.38 -34.62
CA TYR B 29 39.54 8.17 -35.10
C TYR B 29 40.42 6.93 -35.26
N GLY B 30 41.62 6.97 -34.71
CA GLY B 30 42.50 5.83 -34.84
C GLY B 30 42.07 4.57 -34.10
N ASN B 31 42.66 3.46 -34.50
CA ASN B 31 42.38 2.15 -33.91
C ASN B 31 43.28 1.94 -32.69
N PRO B 32 42.69 1.91 -31.50
CA PRO B 32 43.43 1.71 -30.25
C PRO B 32 44.39 0.52 -30.20
N ASN B 33 44.35 -0.33 -31.22
CA ASN B 33 45.24 -1.48 -31.23
C ASN B 33 46.44 -1.25 -32.13
N SER B 34 46.48 -0.08 -32.75
CA SER B 34 47.56 0.28 -33.65
C SER B 34 48.73 0.83 -32.84
N ALA B 35 49.94 0.61 -33.34
CA ALA B 35 51.12 1.09 -32.63
C ALA B 35 51.58 2.49 -33.06
N HIS B 36 51.05 3.01 -34.17
CA HIS B 36 51.44 4.34 -34.61
C HIS B 36 50.85 5.44 -33.71
N GLY B 37 51.22 6.69 -33.95
CA GLY B 37 50.74 7.79 -33.14
C GLY B 37 49.25 7.86 -32.83
N MET B 38 48.43 7.74 -33.87
CA MET B 38 46.99 7.81 -33.70
C MET B 38 46.48 6.58 -32.97
N GLY B 39 47.17 5.46 -33.13
CA GLY B 39 46.74 4.26 -32.45
C GLY B 39 46.99 4.46 -30.97
N ILE B 40 48.21 4.88 -30.67
CA ILE B 40 48.67 5.13 -29.33
C ILE B 40 47.75 6.15 -28.65
N GLU B 41 47.33 7.16 -29.41
CA GLU B 41 46.45 8.21 -28.91
C GLU B 41 45.05 7.70 -28.53
N ALA B 42 44.42 6.98 -29.45
CA ALA B 42 43.09 6.46 -29.19
C ALA B 42 43.15 5.53 -27.99
N ASN B 43 44.20 4.72 -27.91
CA ASN B 43 44.29 3.81 -26.78
C ASN B 43 44.34 4.55 -25.45
N LEU B 44 45.01 5.70 -25.44
CA LEU B 44 45.12 6.48 -24.22
C LEU B 44 43.72 6.85 -23.71
N HIS B 45 42.93 7.47 -24.58
CA HIS B 45 41.58 7.90 -24.20
C HIS B 45 40.64 6.75 -23.87
N MET B 46 40.87 5.59 -24.49
CA MET B 46 40.02 4.45 -24.18
C MET B 46 40.33 4.05 -22.74
N GLU B 47 41.61 4.02 -22.41
CA GLU B 47 42.03 3.65 -21.06
C GLU B 47 41.68 4.71 -20.03
N LYS B 48 41.67 5.97 -20.43
CA LYS B 48 41.29 7.00 -19.46
C LYS B 48 39.83 6.73 -19.11
N ALA B 49 39.05 6.37 -20.13
CA ALA B 49 37.64 6.06 -19.93
C ALA B 49 37.47 4.90 -18.95
N ARG B 50 38.15 3.80 -19.24
CA ARG B 50 38.07 2.62 -18.39
C ARG B 50 38.38 3.06 -16.96
N GLU B 51 39.33 3.97 -16.82
CA GLU B 51 39.72 4.48 -15.51
C GLU B 51 38.62 5.32 -14.88
N LYS B 52 38.01 6.21 -15.66
CA LYS B 52 36.95 7.06 -15.13
C LYS B 52 35.83 6.18 -14.56
N VAL B 53 35.51 5.11 -15.30
CA VAL B 53 34.48 4.16 -14.89
C VAL B 53 34.88 3.43 -13.61
N ALA B 54 36.06 2.80 -13.63
CA ALA B 54 36.52 2.06 -12.47
C ALA B 54 36.42 2.94 -11.23
N LYS B 55 36.85 4.20 -11.38
CA LYS B 55 36.82 5.12 -10.26
C LYS B 55 35.39 5.36 -9.74
N VAL B 56 34.46 5.66 -10.63
CA VAL B 56 33.07 5.89 -10.22
C VAL B 56 32.49 4.67 -9.53
N LEU B 57 32.76 3.48 -10.04
CA LEU B 57 32.22 2.28 -9.42
C LEU B 57 33.04 1.82 -8.20
N GLY B 58 34.18 2.44 -7.98
CA GLY B 58 35.03 2.06 -6.85
C GLY B 58 35.76 0.74 -7.05
N VAL B 59 36.25 0.48 -8.26
CA VAL B 59 36.97 -0.77 -8.55
C VAL B 59 38.29 -0.50 -9.26
N SER B 60 38.97 -1.57 -9.69
CA SER B 60 40.23 -1.43 -10.38
C SER B 60 40.03 -1.44 -11.89
N PRO B 61 40.69 -0.51 -12.59
CA PRO B 61 40.57 -0.41 -14.05
C PRO B 61 40.56 -1.75 -14.76
N SER B 62 41.36 -2.69 -14.27
CA SER B 62 41.45 -4.01 -14.90
C SER B 62 40.20 -4.87 -14.72
N GLU B 63 39.27 -4.38 -13.90
CA GLU B 63 38.05 -5.12 -13.64
C GLU B 63 36.87 -4.57 -14.46
N ILE B 64 37.16 -3.63 -15.34
CA ILE B 64 36.12 -3.06 -16.18
C ILE B 64 36.32 -3.49 -17.63
N PHE B 65 35.25 -4.02 -18.25
CA PHE B 65 35.31 -4.46 -19.63
C PHE B 65 34.19 -3.79 -20.43
N PHE B 66 34.47 -3.48 -21.70
CA PHE B 66 33.46 -2.83 -22.53
C PHE B 66 32.83 -3.75 -23.56
N THR B 67 31.49 -3.76 -23.57
CA THR B 67 30.69 -4.58 -24.49
C THR B 67 29.76 -3.73 -25.37
N SER B 68 28.89 -4.39 -26.13
CA SER B 68 27.98 -3.64 -27.01
C SER B 68 26.70 -3.21 -26.34
N CYS B 69 26.42 -3.76 -25.16
CA CYS B 69 25.21 -3.43 -24.39
C CYS B 69 25.11 -4.34 -23.18
N ALA B 70 24.25 -3.99 -22.24
CA ALA B 70 24.07 -4.80 -21.03
C ALA B 70 23.68 -6.24 -21.37
N THR B 71 22.87 -6.41 -22.40
CA THR B 71 22.45 -7.75 -22.78
C THR B 71 23.65 -8.62 -23.13
N GLU B 72 24.55 -8.10 -23.95
CA GLU B 72 25.73 -8.87 -24.31
C GLU B 72 26.51 -9.24 -23.03
N SER B 73 26.69 -8.27 -22.15
CA SER B 73 27.43 -8.49 -20.91
C SER B 73 26.80 -9.62 -20.12
N ILE B 74 25.48 -9.59 -20.00
CA ILE B 74 24.74 -10.60 -19.26
C ILE B 74 24.87 -11.98 -19.90
N ASN B 75 24.79 -12.05 -21.23
CA ASN B 75 24.95 -13.32 -21.93
C ASN B 75 26.35 -13.88 -21.65
N TRP B 76 27.36 -13.03 -21.87
CA TRP B 76 28.75 -13.37 -21.68
C TRP B 76 29.06 -13.93 -20.29
N ILE B 77 28.66 -13.23 -19.25
CA ILE B 77 28.94 -13.70 -17.90
C ILE B 77 28.19 -14.98 -17.52
N LEU B 78 26.91 -15.07 -17.86
CA LEU B 78 26.14 -16.26 -17.53
C LEU B 78 26.56 -17.48 -18.35
N LYS B 79 26.66 -17.31 -19.66
CA LYS B 79 27.06 -18.43 -20.51
C LYS B 79 28.48 -18.95 -20.28
N THR B 80 29.49 -18.09 -20.35
CA THR B 80 30.85 -18.58 -20.16
C THR B 80 31.18 -19.04 -18.74
N VAL B 81 30.54 -18.46 -17.73
CA VAL B 81 30.82 -18.92 -16.37
C VAL B 81 30.18 -20.28 -16.15
N ALA B 82 29.01 -20.49 -16.74
CA ALA B 82 28.34 -21.78 -16.62
C ALA B 82 29.21 -22.78 -17.36
N GLU B 83 29.84 -22.30 -18.44
CA GLU B 83 30.71 -23.11 -19.28
C GLU B 83 31.94 -23.61 -18.55
N THR B 84 32.44 -22.85 -17.59
CA THR B 84 33.61 -23.26 -16.84
C THR B 84 33.23 -24.25 -15.74
N PHE B 85 31.96 -24.30 -15.40
CA PHE B 85 31.52 -25.22 -14.35
C PHE B 85 30.86 -26.50 -14.83
N GLU B 86 30.96 -26.78 -16.12
CA GLU B 86 30.37 -28.00 -16.64
C GLU B 86 30.99 -29.24 -16.01
N LYS B 87 30.17 -30.27 -15.84
CA LYS B 87 30.63 -31.52 -15.25
C LYS B 87 31.28 -31.32 -13.87
N ARG B 88 30.89 -30.27 -13.15
CA ARG B 88 31.41 -30.00 -11.82
C ARG B 88 30.28 -29.45 -10.96
N LYS B 89 29.53 -28.52 -11.53
CA LYS B 89 28.38 -27.92 -10.86
C LYS B 89 27.29 -27.76 -11.91
N ARG B 90 26.07 -27.46 -11.47
CA ARG B 90 24.97 -27.36 -12.41
C ARG B 90 23.78 -26.52 -11.91
N THR B 91 23.87 -26.03 -10.68
CA THR B 91 22.79 -25.24 -10.12
C THR B 91 22.98 -23.73 -10.23
N ILE B 92 22.01 -23.08 -10.88
CA ILE B 92 22.01 -21.62 -11.05
C ILE B 92 20.77 -21.06 -10.37
N ILE B 93 20.95 -19.97 -9.63
CA ILE B 93 19.82 -19.35 -8.93
C ILE B 93 19.56 -17.89 -9.34
N THR B 94 18.30 -17.56 -9.58
CA THR B 94 17.91 -16.21 -9.97
C THR B 94 16.47 -15.90 -9.52
N THR B 95 15.85 -14.87 -10.08
CA THR B 95 14.48 -14.52 -9.71
C THR B 95 13.60 -14.32 -10.93
N PRO B 96 12.27 -14.44 -10.76
CA PRO B 96 11.31 -14.28 -11.85
C PRO B 96 11.06 -12.84 -12.31
N ILE B 97 11.65 -11.87 -11.63
CA ILE B 97 11.46 -10.46 -12.03
C ILE B 97 12.60 -9.91 -12.90
N GLU B 98 13.59 -10.75 -13.21
CA GLU B 98 14.74 -10.33 -14.02
C GLU B 98 14.35 -9.94 -15.44
N HIS B 99 15.18 -9.10 -16.05
CA HIS B 99 14.96 -8.66 -17.42
C HIS B 99 15.14 -9.89 -18.31
N LYS B 100 14.47 -9.92 -19.46
CA LYS B 100 14.58 -11.07 -20.37
C LYS B 100 16.02 -11.35 -20.80
N ALA B 101 16.91 -10.39 -20.63
CA ALA B 101 18.31 -10.60 -20.98
C ALA B 101 18.77 -11.76 -20.12
N VAL B 102 18.39 -11.73 -18.84
CA VAL B 102 18.76 -12.78 -17.91
C VAL B 102 17.88 -14.01 -18.07
N LEU B 103 16.58 -13.81 -17.96
CA LEU B 103 15.62 -14.91 -18.05
C LEU B 103 15.78 -15.78 -19.30
N GLU B 104 15.93 -15.15 -20.46
CA GLU B 104 16.09 -15.90 -21.70
C GLU B 104 17.41 -16.66 -21.76
N THR B 105 18.44 -16.16 -21.10
CA THR B 105 19.72 -16.85 -21.10
C THR B 105 19.59 -18.07 -20.21
N MET B 106 18.88 -17.92 -19.09
CA MET B 106 18.67 -19.01 -18.14
C MET B 106 17.91 -20.14 -18.83
N LYS B 107 16.91 -19.75 -19.61
CA LYS B 107 16.11 -20.69 -20.36
C LYS B 107 17.06 -21.47 -21.28
N TYR B 108 18.04 -20.76 -21.83
CA TYR B 108 19.02 -21.37 -22.71
C TYR B 108 19.86 -22.41 -21.95
N LEU B 109 20.42 -22.00 -20.81
CA LEU B 109 21.24 -22.91 -20.00
C LEU B 109 20.46 -24.13 -19.53
N SER B 110 19.15 -23.99 -19.41
CA SER B 110 18.33 -25.12 -18.99
C SER B 110 18.35 -26.09 -20.14
N MET B 111 18.04 -25.61 -21.34
CA MET B 111 18.06 -26.45 -22.52
C MET B 111 19.36 -27.26 -22.52
N LYS B 112 20.45 -26.64 -22.09
CA LYS B 112 21.76 -27.28 -22.07
C LYS B 112 22.01 -28.21 -20.89
N GLY B 113 20.99 -28.44 -20.08
CA GLY B 113 21.17 -29.35 -18.95
C GLY B 113 21.64 -28.72 -17.66
N PHE B 114 21.22 -27.48 -17.41
CA PHE B 114 21.60 -26.81 -16.18
C PHE B 114 20.36 -26.69 -15.33
N LYS B 115 20.53 -26.69 -14.01
CA LYS B 115 19.40 -26.61 -13.10
C LYS B 115 19.20 -25.15 -12.69
N VAL B 116 18.12 -24.55 -13.18
CA VAL B 116 17.82 -23.15 -12.87
C VAL B 116 16.67 -23.00 -11.88
N LYS B 117 17.00 -22.61 -10.66
CA LYS B 117 16.00 -22.41 -9.62
C LYS B 117 15.58 -20.94 -9.58
N TYR B 118 14.35 -20.67 -9.16
CA TYR B 118 13.86 -19.30 -9.07
C TYR B 118 13.31 -18.91 -7.70
N VAL B 119 13.99 -17.97 -7.03
CA VAL B 119 13.56 -17.49 -5.73
C VAL B 119 12.37 -16.56 -5.95
N PRO B 120 11.24 -16.79 -5.26
CA PRO B 120 10.09 -15.91 -5.46
C PRO B 120 10.27 -14.53 -4.83
N VAL B 121 9.37 -13.62 -5.19
CA VAL B 121 9.39 -12.25 -4.68
C VAL B 121 8.10 -11.96 -3.93
N ASP B 122 8.12 -10.96 -3.05
CA ASP B 122 6.93 -10.63 -2.31
C ASP B 122 6.02 -9.72 -3.14
N SER B 123 4.90 -9.31 -2.54
CA SER B 123 3.93 -8.47 -3.22
C SER B 123 4.47 -7.14 -3.67
N ARG B 124 5.55 -6.68 -3.04
CA ARG B 124 6.15 -5.40 -3.39
C ARG B 124 7.23 -5.55 -4.46
N GLY B 125 7.54 -6.79 -4.82
CA GLY B 125 8.55 -7.01 -5.83
C GLY B 125 9.91 -7.35 -5.25
N VAL B 126 10.01 -7.34 -3.93
CA VAL B 126 11.27 -7.67 -3.25
C VAL B 126 11.47 -9.18 -3.17
N VAL B 127 12.68 -9.64 -3.44
CA VAL B 127 13.00 -11.06 -3.36
C VAL B 127 12.77 -11.51 -1.92
N LYS B 128 12.40 -12.77 -1.75
CA LYS B 128 12.17 -13.33 -0.42
C LYS B 128 13.44 -13.97 0.11
N LEU B 129 14.14 -13.26 1.00
CA LEU B 129 15.39 -13.74 1.56
C LEU B 129 15.35 -15.11 2.23
N GLU B 130 14.25 -15.42 2.92
CA GLU B 130 14.15 -16.71 3.59
C GLU B 130 14.25 -17.87 2.59
N GLU B 131 13.49 -17.79 1.50
CA GLU B 131 13.50 -18.84 0.48
C GLU B 131 14.87 -18.95 -0.18
N LEU B 132 15.58 -17.83 -0.24
CA LEU B 132 16.91 -17.79 -0.84
C LEU B 132 17.91 -18.66 -0.07
N GLU B 133 17.99 -18.43 1.24
CA GLU B 133 18.89 -19.21 2.09
C GLU B 133 18.69 -20.69 1.79
N LYS B 134 17.44 -21.12 1.76
CA LYS B 134 17.12 -22.51 1.51
C LYS B 134 17.56 -22.98 0.12
N LEU B 135 17.05 -22.33 -0.93
CA LEU B 135 17.36 -22.71 -2.30
C LEU B 135 18.85 -22.85 -2.65
N VAL B 136 19.72 -22.13 -1.95
CA VAL B 136 21.14 -22.22 -2.24
C VAL B 136 21.78 -23.47 -1.66
N ASP B 137 22.29 -24.35 -2.52
CA ASP B 137 22.94 -25.58 -2.08
C ASP B 137 24.40 -25.64 -2.52
N GLU B 138 25.06 -26.77 -2.26
CA GLU B 138 26.47 -26.92 -2.63
C GLU B 138 26.70 -27.01 -4.14
N ASP B 139 25.69 -27.45 -4.87
CA ASP B 139 25.79 -27.56 -6.32
C ASP B 139 25.51 -26.20 -6.97
N THR B 140 25.22 -25.19 -6.15
CA THR B 140 24.93 -23.86 -6.67
C THR B 140 26.24 -23.10 -6.84
N PHE B 141 26.55 -22.76 -8.09
CA PHE B 141 27.79 -22.04 -8.36
C PHE B 141 27.60 -20.56 -8.70
N LEU B 142 26.38 -20.19 -9.10
CA LEU B 142 26.12 -18.80 -9.46
C LEU B 142 24.71 -18.31 -9.15
N VAL B 143 24.63 -17.12 -8.59
CA VAL B 143 23.35 -16.51 -8.26
C VAL B 143 23.28 -15.19 -9.03
N SER B 144 22.25 -15.03 -9.85
CA SER B 144 22.08 -13.81 -10.64
C SER B 144 20.88 -13.01 -10.14
N ILE B 145 21.15 -11.85 -9.56
CA ILE B 145 20.09 -10.98 -9.04
C ILE B 145 20.22 -9.55 -9.59
N MET B 146 19.11 -8.83 -9.71
CA MET B 146 19.16 -7.45 -10.23
C MET B 146 19.13 -6.43 -9.08
N ALA B 147 19.74 -5.25 -9.28
CA ALA B 147 19.79 -4.24 -8.23
C ALA B 147 18.46 -3.50 -8.06
N ALA B 148 17.72 -3.33 -9.16
CA ALA B 148 16.43 -2.65 -9.13
C ALA B 148 15.64 -3.15 -10.33
N ASN B 149 14.32 -3.21 -10.21
CA ASN B 149 13.48 -3.68 -11.31
C ASN B 149 13.13 -2.55 -12.26
N ASN B 150 13.25 -2.83 -13.55
CA ASN B 150 12.98 -1.83 -14.59
C ASN B 150 11.49 -1.50 -14.82
N GLU B 151 10.62 -2.47 -14.59
CA GLU B 151 9.19 -2.24 -14.78
C GLU B 151 8.49 -1.51 -13.64
N VAL B 152 8.76 -1.91 -12.40
CA VAL B 152 8.11 -1.28 -11.25
C VAL B 152 9.05 -0.41 -10.44
N GLY B 153 10.36 -0.66 -10.59
CA GLY B 153 11.37 0.12 -9.88
C GLY B 153 11.80 -0.41 -8.52
N THR B 154 11.30 -1.58 -8.13
CA THR B 154 11.66 -2.11 -6.82
C THR B 154 13.15 -2.39 -6.65
N ILE B 155 13.72 -1.85 -5.59
CA ILE B 155 15.13 -2.01 -5.28
C ILE B 155 15.33 -3.31 -4.52
N GLN B 156 16.34 -4.08 -4.91
CA GLN B 156 16.61 -5.35 -4.24
C GLN B 156 17.67 -5.19 -3.16
N PRO B 157 17.62 -6.04 -2.12
CA PRO B 157 18.60 -5.99 -1.02
C PRO B 157 19.87 -6.73 -1.41
N VAL B 158 20.59 -6.21 -2.40
CA VAL B 158 21.82 -6.83 -2.88
C VAL B 158 22.81 -7.21 -1.78
N GLU B 159 22.97 -6.35 -0.78
CA GLU B 159 23.90 -6.65 0.31
C GLU B 159 23.50 -7.96 1.00
N ASP B 160 22.25 -8.00 1.46
CA ASP B 160 21.70 -9.17 2.14
C ASP B 160 21.81 -10.42 1.27
N VAL B 161 21.29 -10.33 0.05
CA VAL B 161 21.33 -11.45 -0.88
C VAL B 161 22.75 -12.02 -0.94
N THR B 162 23.74 -11.13 -1.00
CA THR B 162 25.14 -11.55 -1.06
C THR B 162 25.55 -12.27 0.22
N ARG B 163 25.38 -11.59 1.35
CA ARG B 163 25.72 -12.15 2.64
C ARG B 163 25.10 -13.52 2.82
N ILE B 164 23.78 -13.59 2.69
CA ILE B 164 23.07 -14.85 2.83
C ILE B 164 23.67 -15.92 1.94
N VAL B 165 24.07 -15.56 0.74
CA VAL B 165 24.65 -16.52 -0.18
C VAL B 165 26.02 -17.03 0.26
N LYS B 166 26.90 -16.13 0.68
CA LYS B 166 28.25 -16.49 1.09
C LYS B 166 28.24 -17.47 2.26
N LYS B 167 27.34 -17.23 3.20
CA LYS B 167 27.22 -18.08 4.36
C LYS B 167 26.77 -19.48 3.94
N LYS B 168 25.62 -19.56 3.27
CA LYS B 168 25.13 -20.84 2.84
C LYS B 168 26.15 -21.58 1.96
N ASN B 169 26.99 -20.81 1.24
CA ASN B 169 28.01 -21.38 0.37
C ASN B 169 29.05 -20.34 0.01
N LYS B 170 30.27 -20.50 0.52
CA LYS B 170 31.34 -19.55 0.25
C LYS B 170 31.89 -19.55 -1.18
N GLU B 171 31.63 -20.61 -1.93
CA GLU B 171 32.17 -20.67 -3.28
C GLU B 171 31.23 -20.18 -4.39
N THR B 172 29.98 -19.93 -4.05
CA THR B 172 29.03 -19.45 -5.04
C THR B 172 29.35 -18.03 -5.48
N LEU B 173 29.22 -17.78 -6.77
CA LEU B 173 29.51 -16.46 -7.35
C LEU B 173 28.22 -15.65 -7.50
N VAL B 174 28.34 -14.33 -7.42
CA VAL B 174 27.16 -13.49 -7.55
C VAL B 174 27.27 -12.45 -8.66
N HIS B 175 26.27 -12.43 -9.54
CA HIS B 175 26.21 -11.47 -10.64
C HIS B 175 25.06 -10.51 -10.39
N VAL B 176 25.32 -9.22 -10.55
CA VAL B 176 24.29 -8.22 -10.32
C VAL B 176 23.94 -7.37 -11.55
N ASP B 177 22.71 -7.52 -12.05
CA ASP B 177 22.26 -6.72 -13.18
C ASP B 177 21.94 -5.35 -12.58
N ALA B 178 22.90 -4.43 -12.70
CA ALA B 178 22.78 -3.08 -12.13
C ALA B 178 22.37 -2.00 -13.14
N VAL B 179 21.83 -2.41 -14.28
CA VAL B 179 21.43 -1.47 -15.31
C VAL B 179 20.62 -0.25 -14.88
N GLN B 180 19.69 -0.42 -13.95
CA GLN B 180 18.83 0.68 -13.52
C GLN B 180 19.30 1.52 -12.34
N THR B 181 20.54 1.33 -11.90
CA THR B 181 21.03 2.10 -10.76
C THR B 181 21.59 3.47 -11.10
N ILE B 182 22.69 3.48 -11.86
CA ILE B 182 23.38 4.69 -12.24
C ILE B 182 22.50 5.91 -12.55
N GLY B 183 22.73 6.99 -11.81
CA GLY B 183 21.96 8.22 -12.01
C GLY B 183 20.63 8.27 -11.28
N LYS B 184 20.23 7.18 -10.64
CA LYS B 184 18.95 7.16 -9.93
C LYS B 184 19.11 6.76 -8.45
N ILE B 185 20.04 5.86 -8.17
CA ILE B 185 20.31 5.47 -6.78
C ILE B 185 21.81 5.17 -6.69
N PRO B 186 22.43 5.46 -5.54
CA PRO B 186 23.86 5.18 -5.41
C PRO B 186 24.18 3.72 -5.60
N PHE B 187 25.27 3.44 -6.31
CA PHE B 187 25.68 2.06 -6.51
C PHE B 187 27.19 1.98 -6.62
N SER B 188 27.82 1.37 -5.61
CA SER B 188 29.26 1.20 -5.63
C SER B 188 29.58 -0.27 -5.40
N LEU B 189 30.60 -0.76 -6.09
CA LEU B 189 30.98 -2.16 -5.95
C LEU B 189 32.13 -2.38 -4.98
N GLU B 190 32.74 -1.28 -4.52
CA GLU B 190 33.87 -1.34 -3.60
C GLU B 190 33.80 -2.36 -2.47
N LYS B 191 32.68 -2.38 -1.76
CA LYS B 191 32.54 -3.30 -0.64
C LYS B 191 31.37 -4.26 -0.81
N LEU B 192 30.66 -4.11 -1.91
CA LEU B 192 29.51 -4.95 -2.20
C LEU B 192 29.78 -6.46 -2.17
N GLU B 193 31.04 -6.86 -2.36
CA GLU B 193 31.40 -8.27 -2.37
C GLU B 193 30.74 -9.11 -3.46
N VAL B 194 30.41 -8.51 -4.60
CA VAL B 194 29.80 -9.28 -5.69
C VAL B 194 30.91 -9.63 -6.67
N ASP B 195 30.64 -10.52 -7.61
CA ASP B 195 31.66 -10.94 -8.55
C ASP B 195 31.48 -10.43 -9.99
N TYR B 196 30.25 -10.11 -10.35
CA TYR B 196 29.97 -9.64 -11.69
C TYR B 196 28.86 -8.59 -11.68
N ALA B 197 28.99 -7.57 -12.51
CA ALA B 197 27.97 -6.53 -12.61
C ALA B 197 27.80 -6.12 -14.07
N SER B 198 26.56 -5.79 -14.45
CA SER B 198 26.25 -5.37 -15.82
C SER B 198 25.61 -4.00 -15.86
N PHE B 199 25.97 -3.21 -16.85
CA PHE B 199 25.41 -1.87 -17.02
C PHE B 199 25.17 -1.58 -18.49
N SER B 200 24.29 -0.62 -18.76
CA SER B 200 24.02 -0.19 -20.14
C SER B 200 24.06 1.33 -20.15
N ALA B 201 25.03 1.88 -20.87
CA ALA B 201 25.23 3.31 -20.95
C ALA B 201 24.03 4.18 -21.38
N HIS B 202 23.22 3.71 -22.33
CA HIS B 202 22.07 4.50 -22.81
C HIS B 202 20.93 4.70 -21.80
N LYS B 203 21.04 4.05 -20.64
CA LYS B 203 20.03 4.17 -19.58
C LYS B 203 20.33 5.34 -18.68
N PHE B 204 21.52 5.91 -18.81
CA PHE B 204 21.92 7.06 -18.01
C PHE B 204 22.55 8.17 -18.85
N HIS B 205 21.88 8.48 -19.96
CA HIS B 205 22.27 9.52 -20.89
C HIS B 205 23.54 9.30 -21.69
N GLY B 206 23.94 8.04 -21.80
CA GLY B 206 25.11 7.71 -22.59
C GLY B 206 24.61 7.32 -23.98
N PRO B 207 25.48 6.90 -24.89
CA PRO B 207 24.97 6.55 -26.21
C PRO B 207 24.57 5.08 -26.23
N LYS B 208 23.80 4.69 -27.24
CA LYS B 208 23.40 3.29 -27.35
C LYS B 208 24.59 2.52 -27.94
N GLY B 209 24.56 1.21 -27.84
CA GLY B 209 25.66 0.42 -28.38
C GLY B 209 26.85 0.23 -27.45
N VAL B 210 26.73 0.64 -26.19
CA VAL B 210 27.85 0.46 -25.27
C VAL B 210 27.42 -0.15 -23.95
N GLY B 211 28.07 -1.25 -23.60
CA GLY B 211 27.78 -1.93 -22.35
C GLY B 211 29.00 -1.87 -21.45
N ILE B 212 28.78 -1.87 -20.13
CA ILE B 212 29.89 -1.83 -19.19
C ILE B 212 29.82 -3.06 -18.30
N THR B 213 30.96 -3.75 -18.18
CA THR B 213 31.05 -4.98 -17.41
C THR B 213 32.08 -4.96 -16.29
N TYR B 214 31.68 -5.47 -15.13
CA TYR B 214 32.57 -5.58 -13.98
C TYR B 214 32.83 -7.05 -13.74
N ILE B 215 34.09 -7.44 -13.74
CA ILE B 215 34.49 -8.82 -13.50
C ILE B 215 35.57 -8.80 -12.42
N ARG B 216 35.21 -9.20 -11.21
CA ARG B 216 36.15 -9.23 -10.08
C ARG B 216 37.41 -10.01 -10.43
N LYS B 217 38.54 -9.42 -10.06
CA LYS B 217 39.85 -10.02 -10.31
C LYS B 217 39.97 -11.46 -9.80
N GLY B 218 40.17 -12.39 -10.71
CA GLY B 218 40.32 -13.78 -10.33
C GLY B 218 39.16 -14.70 -10.67
N VAL B 219 37.94 -14.20 -10.57
CA VAL B 219 36.77 -15.02 -10.82
C VAL B 219 36.79 -15.61 -12.22
N PRO B 220 36.03 -16.70 -12.43
CA PRO B 220 35.91 -17.40 -13.72
C PRO B 220 35.32 -16.52 -14.80
N ILE B 221 35.73 -16.77 -16.03
CA ILE B 221 35.25 -16.01 -17.19
C ILE B 221 35.94 -16.55 -18.43
N ARG B 222 35.26 -16.43 -19.57
CA ARG B 222 35.83 -16.87 -20.83
C ARG B 222 35.26 -16.01 -21.94
N PRO B 223 35.88 -16.05 -23.13
CA PRO B 223 35.37 -15.22 -24.22
C PRO B 223 34.04 -15.64 -24.82
N LEU B 224 33.12 -14.68 -24.95
CA LEU B 224 31.85 -14.96 -25.61
C LEU B 224 32.15 -14.60 -27.08
N ILE B 225 33.05 -13.63 -27.27
CA ILE B 225 33.46 -13.21 -28.60
C ILE B 225 34.96 -13.41 -28.75
N HIS B 226 35.38 -14.45 -29.47
CA HIS B 226 36.80 -14.73 -29.69
C HIS B 226 37.27 -13.91 -30.88
N GLY B 227 38.57 -13.60 -30.94
CA GLY B 227 39.07 -12.84 -32.06
C GLY B 227 40.41 -12.15 -31.85
N GLY B 228 40.52 -10.92 -32.37
CA GLY B 228 41.74 -10.15 -32.27
C GLY B 228 42.43 -10.02 -30.92
N GLY B 229 41.72 -10.29 -29.82
CA GLY B 229 42.36 -10.19 -28.52
C GLY B 229 42.16 -8.91 -27.72
N GLN B 230 41.18 -8.11 -28.12
CA GLN B 230 40.89 -6.86 -27.41
C GLN B 230 40.37 -7.17 -26.01
N GLU B 231 40.23 -6.14 -25.19
CA GLU B 231 39.77 -6.30 -23.83
C GLU B 231 40.46 -7.47 -23.14
N ARG B 232 41.79 -7.43 -23.12
CA ARG B 232 42.58 -8.47 -22.46
C ARG B 232 42.27 -9.89 -22.93
N GLY B 233 42.00 -10.03 -24.22
CA GLY B 233 41.69 -11.34 -24.75
C GLY B 233 40.30 -11.86 -24.45
N LEU B 234 39.59 -11.18 -23.56
CA LEU B 234 38.24 -11.63 -23.19
C LEU B 234 37.06 -11.15 -24.05
N ARG B 235 37.24 -10.11 -24.86
CA ARG B 235 36.14 -9.62 -25.70
C ARG B 235 36.75 -8.93 -26.94
N SER B 236 36.88 -9.68 -28.01
CA SER B 236 37.48 -9.16 -29.25
C SER B 236 36.60 -8.26 -30.11
N GLY B 237 37.18 -7.76 -31.19
CA GLY B 237 36.47 -6.85 -32.09
C GLY B 237 36.95 -5.44 -31.77
N THR B 238 37.09 -4.61 -32.80
CA THR B 238 37.56 -3.23 -32.60
C THR B 238 36.68 -2.53 -31.57
N GLN B 239 37.32 -1.94 -30.58
CA GLN B 239 36.59 -1.24 -29.54
C GLN B 239 35.86 -0.02 -30.09
N ASN B 240 34.72 0.29 -29.48
CA ASN B 240 33.90 1.42 -29.86
C ASN B 240 34.39 2.66 -29.06
N VAL B 241 35.52 3.23 -29.49
CA VAL B 241 36.08 4.37 -28.79
C VAL B 241 35.17 5.58 -28.60
N PRO B 242 34.52 6.08 -29.68
CA PRO B 242 33.67 7.24 -29.38
C PRO B 242 32.61 6.84 -28.36
N GLY B 243 32.13 5.61 -28.48
CA GLY B 243 31.11 5.13 -27.57
C GLY B 243 31.58 4.99 -26.13
N ILE B 244 32.80 4.46 -25.98
CA ILE B 244 33.37 4.24 -24.67
C ILE B 244 33.67 5.54 -23.95
N VAL B 245 34.24 6.51 -24.67
CA VAL B 245 34.56 7.80 -24.06
C VAL B 245 33.28 8.42 -23.53
N GLY B 246 32.24 8.43 -24.37
CA GLY B 246 30.97 9.01 -23.97
C GLY B 246 30.36 8.31 -22.76
N ALA B 247 30.34 6.98 -22.81
CA ALA B 247 29.80 6.16 -21.72
C ALA B 247 30.44 6.51 -20.40
N ALA B 248 31.77 6.59 -20.37
CA ALA B 248 32.50 6.91 -19.15
C ALA B 248 32.14 8.31 -18.66
N ARG B 249 32.19 9.27 -19.57
CA ARG B 249 31.84 10.66 -19.23
C ARG B 249 30.41 10.75 -18.69
N ALA B 250 29.51 9.96 -19.27
CA ALA B 250 28.10 9.95 -18.85
C ALA B 250 27.94 9.36 -17.45
N MET B 251 28.69 8.30 -17.16
CA MET B 251 28.59 7.68 -15.84
C MET B 251 29.07 8.67 -14.79
N GLU B 252 30.24 9.25 -15.03
CA GLU B 252 30.82 10.23 -14.13
C GLU B 252 29.82 11.35 -13.84
N ILE B 253 29.28 11.98 -14.88
CA ILE B 253 28.32 13.06 -14.68
C ILE B 253 27.09 12.57 -13.93
N ALA B 254 26.51 11.47 -14.40
CA ALA B 254 25.31 10.88 -13.80
C ALA B 254 25.46 10.72 -12.29
N VAL B 255 26.56 10.14 -11.85
CA VAL B 255 26.77 9.93 -10.43
C VAL B 255 27.07 11.26 -9.74
N GLU B 256 27.85 12.12 -10.39
CA GLU B 256 28.19 13.40 -9.78
C GLU B 256 26.97 14.22 -9.43
N GLU B 257 25.93 14.13 -10.25
CA GLU B 257 24.73 14.92 -10.00
C GLU B 257 23.58 14.11 -9.39
N LEU B 258 23.86 12.86 -9.03
CA LEU B 258 22.85 11.98 -8.45
C LEU B 258 21.98 12.62 -7.37
N SER B 259 22.64 13.06 -6.31
CA SER B 259 21.96 13.66 -5.19
C SER B 259 20.89 14.66 -5.59
N GLU B 260 21.27 15.74 -6.26
CA GLU B 260 20.30 16.74 -6.66
C GLU B 260 19.27 16.20 -7.66
N ALA B 261 19.71 15.28 -8.52
CA ALA B 261 18.83 14.70 -9.52
C ALA B 261 17.74 13.83 -8.87
N ALA B 262 18.12 12.96 -7.94
CA ALA B 262 17.14 12.10 -7.30
C ALA B 262 16.10 12.90 -6.53
N LYS B 263 16.53 13.90 -5.78
CA LYS B 263 15.60 14.69 -4.99
C LYS B 263 14.54 15.30 -5.89
N HIS B 264 14.99 15.78 -7.05
CA HIS B 264 14.12 16.41 -8.02
C HIS B 264 13.10 15.44 -8.60
N MET B 265 13.56 14.25 -8.94
CA MET B 265 12.69 13.24 -9.52
C MET B 265 11.72 12.76 -8.45
N GLU B 266 12.25 12.54 -7.24
CA GLU B 266 11.43 12.11 -6.12
C GLU B 266 10.26 13.09 -5.96
N LYS B 267 10.53 14.39 -6.13
CA LYS B 267 9.49 15.40 -6.00
C LYS B 267 8.44 15.30 -7.10
N LEU B 268 8.89 15.30 -8.35
CA LEU B 268 7.96 15.20 -9.46
C LEU B 268 7.10 13.95 -9.34
N ARG B 269 7.72 12.85 -8.92
CA ARG B 269 6.99 11.61 -8.77
C ARG B 269 5.84 11.77 -7.79
N SER B 270 6.08 12.43 -6.67
CA SER B 270 5.02 12.59 -5.68
C SER B 270 3.85 13.36 -6.27
N LYS B 271 4.15 14.35 -7.10
CA LYS B 271 3.07 15.12 -7.70
C LYS B 271 2.25 14.21 -8.63
N LEU B 272 2.93 13.36 -9.38
CA LEU B 272 2.24 12.44 -10.28
C LEU B 272 1.36 11.47 -9.50
N VAL B 273 1.92 10.91 -8.43
CA VAL B 273 1.20 9.95 -7.60
C VAL B 273 -0.13 10.48 -7.08
N SER B 274 -0.11 11.61 -6.38
CA SER B 274 -1.34 12.18 -5.85
C SER B 274 -2.31 12.55 -6.97
N GLY B 275 -1.79 13.17 -8.03
CA GLY B 275 -2.63 13.55 -9.14
C GLY B 275 -3.29 12.35 -9.79
N LEU B 276 -2.52 11.30 -10.05
CA LEU B 276 -3.06 10.09 -10.70
C LEU B 276 -4.09 9.37 -9.85
N MET B 277 -3.80 9.24 -8.56
CA MET B 277 -4.76 8.57 -7.71
C MET B 277 -6.07 9.34 -7.73
N ASN B 278 -5.99 10.68 -7.65
CA ASN B 278 -7.21 11.47 -7.67
C ASN B 278 -7.99 11.23 -8.95
N LEU B 279 -7.33 10.74 -10.00
CA LEU B 279 -8.01 10.47 -11.25
C LEU B 279 -8.46 9.01 -11.34
N GLY B 280 -8.18 8.24 -10.30
CA GLY B 280 -8.62 6.86 -10.27
C GLY B 280 -7.54 5.80 -10.44
N ALA B 281 -6.28 6.20 -10.46
CA ALA B 281 -5.21 5.22 -10.65
C ALA B 281 -4.89 4.35 -9.44
N HIS B 282 -4.28 3.20 -9.71
CA HIS B 282 -3.81 2.28 -8.68
C HIS B 282 -2.30 2.39 -8.77
N ILE B 283 -1.60 2.51 -7.64
CA ILE B 283 -0.16 2.61 -7.69
C ILE B 283 0.46 1.24 -7.43
N ILE B 284 1.25 0.75 -8.37
CA ILE B 284 1.86 -0.55 -8.22
C ILE B 284 3.23 -0.45 -7.58
N THR B 285 3.96 0.61 -7.94
CA THR B 285 5.30 0.85 -7.42
C THR B 285 5.35 1.07 -5.92
N PRO B 286 6.21 0.32 -5.21
CA PRO B 286 6.28 0.53 -3.76
C PRO B 286 7.19 1.76 -3.52
N LEU B 287 6.57 2.92 -3.33
CA LEU B 287 7.31 4.16 -3.11
C LEU B 287 8.46 4.07 -2.10
N GLU B 288 8.26 3.33 -1.01
CA GLU B 288 9.31 3.25 0.00
C GLU B 288 10.57 2.46 -0.37
N ILE B 289 10.53 1.70 -1.45
CA ILE B 289 11.70 0.89 -1.83
C ILE B 289 11.84 0.77 -3.36
N SER B 290 12.02 1.91 -4.02
CA SER B 290 12.12 1.94 -5.48
C SER B 290 12.87 3.15 -6.03
N LEU B 291 13.30 3.06 -7.29
CA LEU B 291 14.00 4.15 -7.94
C LEU B 291 13.10 5.38 -7.88
N PRO B 292 13.64 6.53 -7.46
CA PRO B 292 12.82 7.74 -7.37
C PRO B 292 12.21 8.27 -8.67
N ASN B 293 12.60 7.67 -9.79
CA ASN B 293 12.11 8.13 -11.09
C ASN B 293 11.01 7.24 -11.66
N THR B 294 10.89 6.04 -11.13
CA THR B 294 9.92 5.07 -11.63
C THR B 294 8.56 5.04 -10.95
N LEU B 295 7.51 5.05 -11.77
CA LEU B 295 6.14 5.03 -11.27
C LEU B 295 5.22 4.18 -12.15
N SER B 296 4.95 2.96 -11.72
CA SER B 296 4.07 2.05 -12.45
C SER B 296 2.66 2.23 -11.88
N VAL B 297 1.70 2.55 -12.75
CA VAL B 297 0.32 2.77 -12.32
C VAL B 297 -0.67 2.09 -13.26
N SER B 298 -1.90 1.92 -12.80
CA SER B 298 -2.90 1.27 -13.62
C SER B 298 -4.32 1.78 -13.45
N PHE B 299 -5.03 1.92 -14.57
CA PHE B 299 -6.42 2.33 -14.57
C PHE B 299 -7.18 1.07 -15.03
N PRO B 300 -7.57 0.22 -14.07
CA PRO B 300 -8.30 -1.04 -14.26
C PRO B 300 -9.27 -1.13 -15.43
N ASN B 301 -10.00 -0.06 -15.69
CA ASN B 301 -10.96 -0.09 -16.79
C ASN B 301 -10.42 0.35 -18.14
N ILE B 302 -9.10 0.41 -18.30
CA ILE B 302 -8.51 0.83 -19.56
C ILE B 302 -7.23 0.07 -19.89
N ARG B 303 -7.12 -0.43 -21.12
CA ARG B 303 -5.92 -1.16 -21.52
C ARG B 303 -4.73 -0.23 -21.53
N GLY B 304 -3.65 -0.65 -20.87
CA GLY B 304 -2.45 0.15 -20.82
C GLY B 304 -2.01 0.60 -22.19
N SER B 305 -2.15 -0.29 -23.17
CA SER B 305 -1.76 0.02 -24.54
C SER B 305 -2.67 1.06 -25.17
N THR B 306 -3.91 1.13 -24.70
CA THR B 306 -4.83 2.12 -25.24
C THR B 306 -4.50 3.47 -24.62
N LEU B 307 -4.22 3.48 -23.32
CA LEU B 307 -3.87 4.71 -22.63
C LEU B 307 -2.56 5.19 -23.25
N GLN B 308 -1.70 4.23 -23.56
CA GLN B 308 -0.41 4.54 -24.16
C GLN B 308 -0.56 5.21 -25.52
N ASN B 309 -1.47 4.70 -26.35
CA ASN B 309 -1.67 5.30 -27.66
C ASN B 309 -2.23 6.70 -27.51
N LEU B 310 -3.32 6.83 -26.75
CA LEU B 310 -3.94 8.13 -26.56
C LEU B 310 -2.91 9.17 -26.11
N LEU B 311 -2.15 8.84 -25.06
CA LEU B 311 -1.16 9.76 -24.53
C LEU B 311 -0.16 10.14 -25.62
N SER B 312 0.29 9.14 -26.39
CA SER B 312 1.23 9.39 -27.46
C SER B 312 0.65 10.42 -28.46
N GLY B 313 -0.67 10.42 -28.59
CA GLY B 313 -1.32 11.35 -29.49
C GLY B 313 -1.13 12.78 -29.05
N TYR B 314 -0.92 12.97 -27.75
CA TYR B 314 -0.71 14.31 -27.19
C TYR B 314 0.78 14.63 -27.00
N GLY B 315 1.65 13.78 -27.53
CA GLY B 315 3.08 14.00 -27.44
C GLY B 315 3.68 13.56 -26.11
N ILE B 316 3.01 12.61 -25.46
CA ILE B 316 3.46 12.10 -24.17
C ILE B 316 3.90 10.66 -24.34
N TYR B 317 5.09 10.32 -23.86
CA TYR B 317 5.56 8.95 -24.02
C TYR B 317 5.80 8.15 -22.74
N VAL B 318 5.12 7.01 -22.70
CA VAL B 318 5.19 6.08 -21.58
C VAL B 318 5.15 4.67 -22.15
N SER B 319 5.41 3.67 -21.31
CA SER B 319 5.41 2.28 -21.77
C SER B 319 4.34 1.43 -21.08
N THR B 320 4.20 0.18 -21.54
CA THR B 320 3.23 -0.76 -20.97
C THR B 320 3.87 -2.12 -20.75
N ARG B 332 4.82 -7.49 -17.29
CA ARG B 332 3.80 -8.50 -17.11
C ARG B 332 4.35 -9.69 -16.34
N HIS B 333 5.45 -10.28 -16.81
CA HIS B 333 5.98 -11.40 -16.06
C HIS B 333 6.42 -10.90 -14.68
N VAL B 334 6.65 -9.59 -14.57
CA VAL B 334 7.04 -9.00 -13.29
C VAL B 334 5.80 -8.85 -12.40
N LEU B 335 4.74 -8.27 -12.95
CA LEU B 335 3.50 -8.07 -12.20
C LEU B 335 2.92 -9.43 -11.83
N ASP B 336 3.12 -10.39 -12.72
CA ASP B 336 2.64 -11.74 -12.50
C ASP B 336 3.38 -12.30 -11.29
N ALA B 337 4.71 -12.22 -11.33
CA ALA B 337 5.52 -12.71 -10.24
C ALA B 337 5.13 -12.04 -8.92
N MET B 338 4.56 -10.85 -9.02
CA MET B 338 4.17 -10.10 -7.83
C MET B 338 2.77 -10.45 -7.33
N GLY B 339 2.02 -11.17 -8.15
CA GLY B 339 0.68 -11.56 -7.75
C GLY B 339 -0.32 -10.48 -8.08
N VAL B 340 0.10 -9.51 -8.87
CA VAL B 340 -0.80 -8.43 -9.25
C VAL B 340 -2.00 -9.02 -9.98
N ASP B 341 -3.19 -8.51 -9.66
CA ASP B 341 -4.41 -8.99 -10.29
C ASP B 341 -4.35 -8.77 -11.79
N ARG B 342 -4.86 -9.74 -12.55
CA ARG B 342 -4.87 -9.64 -14.01
C ARG B 342 -5.50 -8.34 -14.51
N ARG B 343 -6.57 -7.92 -13.85
CA ARG B 343 -7.25 -6.68 -14.25
C ARG B 343 -6.31 -5.49 -14.16
N ILE B 344 -5.55 -5.41 -13.07
CA ILE B 344 -4.61 -4.30 -12.86
C ILE B 344 -3.48 -4.38 -13.88
N ALA B 345 -2.91 -5.57 -14.03
CA ALA B 345 -1.82 -5.78 -14.97
C ALA B 345 -2.23 -5.28 -16.36
N GLN B 346 -3.40 -5.71 -16.82
CA GLN B 346 -3.92 -5.32 -18.13
C GLN B 346 -3.94 -3.82 -18.42
N GLY B 347 -4.09 -2.99 -17.39
CA GLY B 347 -4.13 -1.56 -17.65
C GLY B 347 -2.91 -0.80 -17.18
N ALA B 348 -1.86 -1.53 -16.82
CA ALA B 348 -0.64 -0.93 -16.32
C ALA B 348 0.18 -0.18 -17.36
N ILE B 349 0.81 0.91 -16.90
CA ILE B 349 1.70 1.69 -17.74
C ILE B 349 2.87 2.10 -16.84
N ARG B 350 4.00 2.43 -17.43
CA ARG B 350 5.13 2.83 -16.63
C ARG B 350 5.64 4.22 -16.97
N ILE B 351 5.67 5.07 -15.96
CA ILE B 351 6.16 6.42 -16.13
C ILE B 351 7.56 6.39 -15.52
N SER B 352 8.57 6.70 -16.33
CA SER B 352 9.92 6.71 -15.80
C SER B 352 10.60 8.05 -16.07
N LEU B 353 10.87 8.79 -14.99
CA LEU B 353 11.54 10.08 -15.08
C LEU B 353 13.02 9.81 -14.84
N CYS B 354 13.49 11.82 -16.02
CA CYS B 354 14.94 11.87 -15.83
C CYS B 354 15.29 13.22 -15.22
N LYS B 355 16.57 13.45 -14.98
CA LYS B 355 17.00 14.70 -14.38
C LYS B 355 16.45 15.92 -15.12
N TYR B 356 16.20 15.78 -16.41
CA TYR B 356 15.72 16.92 -17.20
C TYR B 356 14.22 17.13 -17.32
N ASN B 357 13.43 16.26 -16.69
CA ASN B 357 11.98 16.39 -16.71
C ASN B 357 11.59 17.55 -15.80
N THR B 358 10.43 18.16 -16.04
CA THR B 358 10.02 19.31 -15.25
C THR B 358 8.60 19.27 -14.70
N GLU B 359 8.33 20.13 -13.71
CA GLU B 359 7.01 20.20 -13.11
C GLU B 359 6.02 20.73 -14.14
N GLU B 360 6.50 21.54 -15.06
CA GLU B 360 5.64 22.07 -16.12
C GLU B 360 5.14 20.85 -16.90
N GLU B 361 6.04 19.90 -17.15
CA GLU B 361 5.70 18.69 -17.88
C GLU B 361 4.75 17.80 -17.07
N VAL B 362 4.96 17.74 -15.75
CA VAL B 362 4.10 16.93 -14.91
C VAL B 362 2.70 17.51 -14.89
N ASP B 363 2.62 18.84 -14.89
CA ASP B 363 1.34 19.53 -14.88
C ASP B 363 0.58 19.22 -16.18
N TYR B 364 1.33 19.15 -17.28
CA TYR B 364 0.77 18.87 -18.60
C TYR B 364 0.23 17.45 -18.67
N PHE B 365 1.06 16.50 -18.27
CA PHE B 365 0.69 15.10 -18.27
C PHE B 365 -0.62 14.93 -17.48
N LEU B 366 -0.66 15.45 -16.26
CA LEU B 366 -1.86 15.34 -15.44
C LEU B 366 -3.07 15.97 -16.11
N LYS B 367 -2.89 17.16 -16.68
CA LYS B 367 -3.99 17.84 -17.35
C LYS B 367 -4.52 17.07 -18.56
N LYS B 368 -3.62 16.58 -19.42
CA LYS B 368 -4.03 15.85 -20.62
C LYS B 368 -4.60 14.47 -20.35
N ILE B 369 -4.01 13.74 -19.42
CA ILE B 369 -4.52 12.40 -19.14
C ILE B 369 -5.92 12.49 -18.57
N GLU B 370 -6.22 13.60 -17.89
CA GLU B 370 -7.56 13.77 -17.33
C GLU B 370 -8.55 13.94 -18.48
N GLU B 371 -8.13 14.61 -19.56
CA GLU B 371 -9.00 14.77 -20.72
C GLU B 371 -9.26 13.40 -21.32
N ILE B 372 -8.18 12.69 -21.65
CA ILE B 372 -8.27 11.37 -22.24
C ILE B 372 -9.21 10.49 -21.43
N LEU B 373 -9.11 10.58 -20.11
CA LEU B 373 -9.96 9.77 -19.25
C LEU B 373 -11.43 10.21 -19.34
N SER B 374 -11.68 11.50 -19.42
CA SER B 374 -13.05 11.99 -19.51
C SER B 374 -13.70 11.56 -20.82
N PHE B 375 -12.96 11.68 -21.93
CA PHE B 375 -13.47 11.28 -23.23
C PHE B 375 -13.83 9.81 -23.25
N LEU B 376 -13.18 9.05 -22.37
CA LEU B 376 -13.45 7.63 -22.28
C LEU B 376 -14.50 7.43 -21.17
N1 PLP C . -22.12 3.71 13.07
C2 PLP C . -20.83 4.17 13.27
C2A PLP C . -20.53 5.05 14.49
C3 PLP C . -19.85 3.86 12.37
O3 PLP C . -18.58 4.30 12.56
C4 PLP C . -20.17 3.04 11.24
C4A PLP C . -19.05 2.69 10.25
C5 PLP C . -21.52 2.57 11.09
C6 PLP C . -22.46 2.91 12.00
C5A PLP C . -21.97 1.68 9.94
O4P PLP C . -21.48 0.35 9.82
P PLP C . -21.93 -0.57 8.62
O1P PLP C . -23.35 -0.88 8.79
O2P PLP C . -21.08 -1.85 9.08
O3P PLP C . -21.42 -0.06 7.34
N CYS D . -17.45 5.49 10.22
CA CYS D . -16.76 4.93 9.08
C CYS D . -15.29 5.27 9.18
O CYS D . -14.95 6.25 9.83
CB CYS D . -17.32 5.50 7.79
SG CYS D . -17.90 4.29 6.64
N1 PLP E . 18.71 -5.20 -17.48
C2 PLP E . 17.77 -4.29 -17.03
C2A PLP E . 17.41 -4.28 -15.55
C3 PLP E . 17.19 -3.44 -17.93
O3 PLP E . 16.26 -2.51 -17.51
C4 PLP E . 17.57 -3.49 -19.29
C4A PLP E . 16.90 -2.52 -20.27
C5 PLP E . 18.55 -4.44 -19.72
C6 PLP E . 19.10 -5.28 -18.79
C5A PLP E . 19.05 -4.57 -21.15
O4P PLP E . 19.72 -3.49 -21.77
P PLP E . 20.23 -3.54 -23.26
O1P PLP E . 21.33 -4.50 -23.35
O2P PLP E . 20.87 -2.06 -23.24
O3P PLP E . 19.10 -3.58 -24.20
N CYS F . 13.65 -3.16 -20.02
CA CYS F . 13.49 -2.09 -21.00
C CYS F . 12.58 -1.02 -20.41
O CYS F . 12.37 -1.00 -19.21
CB CYS F . 12.88 -2.64 -22.29
SG CYS F . 13.91 -3.87 -23.14
#